data_4DA5
#
_entry.id   4DA5
#
_cell.length_a   55.840
_cell.length_b   121.690
_cell.length_c   131.730
_cell.angle_alpha   90.00
_cell.angle_beta   90.00
_cell.angle_gamma   90.00
#
_symmetry.space_group_name_H-M   'P 21 21 21'
#
loop_
_entity.id
_entity.type
_entity.pdbx_description
1 polymer 'Choline kinase alpha'
2 non-polymer 'SULFATE ION'
3 non-polymer (3R)-1-azabicyclo[2.2.2]oct-3-yl[bis(5-chlorothiophen-2-yl)]methanol
4 water water
#
_entity_poly.entity_id   1
_entity_poly.type   'polypeptide(L)'
_entity_poly.pdbx_seq_one_letter_code
;MKTKFCTGGEAEPSPLGLLLSCGSGSAAPAPGVGQQRDAASDLESKQLGGQQPPLALPPPPPLPLPLPLPQPPPPQPPAD
EQPEPRTRRRAYLWCKEFLPGAWRGLREDEFHISVIRGGLSNMLFQCSLPDTTATLGDEPRKVLLRLYGAILQMRSCNKE
GSEQAQKENEFQGAEAMVLESVMFAILAERSLGPKLYGIFPQGRLEQFIPSRRLDTEELSLPDISAEIAEKMATFHGMKM
PFNKEPKWLFGTMEKYLKEVLRIKFTEESRIKKLHKLLSYNLPLELENLRSLLESTPSPVVFCHNDCQEGNILLLEGREN
SEKQKLMLIDFEYSSYNYRGFDIGNHFCEWMYDYSYEKYPFFRANIRKYPTKKQQLHFISSYLPAFQNDFENLSTEEKSI
IKEEMLLEVNRFALASHFLWGLWSIVQAKISSIEFGYMDYAQARFDAYFHQKRKLGV
;
_entity_poly.pdbx_strand_id   A,B
#
loop_
_chem_comp.id
_chem_comp.type
_chem_comp.name
_chem_comp.formula
0H7 non-polymer (3R)-1-azabicyclo[2.2.2]oct-3-yl[bis(5-chlorothiophen-2-yl)]methanol 'C16 H17 Cl2 N O S2'
SO4 non-polymer 'SULFATE ION' 'O4 S -2'
#
# COMPACT_ATOMS: atom_id res chain seq x y z
N GLU A 81 -5.77 3.37 31.24
CA GLU A 81 -5.99 4.67 30.61
C GLU A 81 -7.00 4.59 29.47
N GLN A 82 -8.06 5.42 29.58
CA GLN A 82 -9.14 5.49 28.62
C GLN A 82 -8.98 6.73 27.74
N PRO A 83 -9.27 6.64 26.41
CA PRO A 83 -9.14 7.83 25.55
C PRO A 83 -10.23 8.87 25.82
N GLU A 84 -10.21 9.99 25.07
CA GLU A 84 -11.23 11.02 25.21
C GLU A 84 -12.54 10.56 24.52
N PRO A 85 -13.75 10.94 25.01
CA PRO A 85 -14.99 10.45 24.39
C PRO A 85 -15.12 10.55 22.88
N ARG A 86 -14.57 11.61 22.26
CA ARG A 86 -14.57 11.82 20.82
C ARG A 86 -13.72 10.73 20.12
N THR A 87 -12.56 10.38 20.70
CA THR A 87 -11.62 9.39 20.18
C THR A 87 -12.23 7.99 20.21
N ARG A 88 -12.77 7.61 21.37
CA ARG A 88 -13.48 6.36 21.63
C ARG A 88 -14.63 6.09 20.62
N ARG A 89 -15.37 7.15 20.21
CA ARG A 89 -16.48 7.06 19.25
C ARG A 89 -15.98 6.85 17.81
N ARG A 90 -14.92 7.58 17.44
CA ARG A 90 -14.29 7.49 16.12
C ARG A 90 -13.63 6.14 15.96
N ALA A 91 -12.91 5.69 17.02
CA ALA A 91 -12.23 4.38 17.10
C ALA A 91 -13.24 3.25 16.92
N TYR A 92 -14.38 3.33 17.65
CA TYR A 92 -15.47 2.35 17.57
C TYR A 92 -16.02 2.24 16.13
N LEU A 93 -16.25 3.38 15.47
CA LEU A 93 -16.72 3.42 14.09
C LEU A 93 -15.73 2.81 13.11
N TRP A 94 -14.43 3.14 13.22
CA TRP A 94 -13.39 2.58 12.36
C TRP A 94 -13.32 1.07 12.47
N CYS A 95 -13.37 0.53 13.71
CA CYS A 95 -13.33 -0.91 13.98
C CYS A 95 -14.57 -1.63 13.42
N LYS A 96 -15.80 -1.15 13.67
CA LYS A 96 -16.98 -1.83 13.15
C LYS A 96 -17.08 -1.77 11.61
N GLU A 97 -16.49 -0.73 10.99
CA GLU A 97 -16.52 -0.51 9.54
C GLU A 97 -15.41 -1.16 8.73
N PHE A 98 -14.20 -1.28 9.31
CA PHE A 98 -13.04 -1.86 8.63
C PHE A 98 -12.82 -3.32 9.02
N LEU A 99 -13.22 -3.70 10.24
CA LEU A 99 -13.03 -5.05 10.74
C LEU A 99 -14.24 -5.95 10.51
N PRO A 100 -14.01 -7.18 9.98
CA PRO A 100 -15.15 -8.09 9.72
C PRO A 100 -15.58 -8.92 10.93
N GLY A 101 -16.52 -9.85 10.70
CA GLY A 101 -17.03 -10.78 11.71
C GLY A 101 -17.81 -10.15 12.82
N ALA A 102 -17.47 -10.53 14.08
CA ALA A 102 -18.09 -10.06 15.32
C ALA A 102 -17.98 -8.53 15.48
N TRP A 103 -17.02 -7.89 14.81
CA TRP A 103 -16.84 -6.43 14.83
C TRP A 103 -17.97 -5.67 14.15
N ARG A 104 -18.48 -6.20 13.01
CA ARG A 104 -19.53 -5.60 12.18
C ARG A 104 -20.83 -5.30 12.91
N GLY A 105 -21.16 -6.11 13.90
CA GLY A 105 -22.37 -5.94 14.72
C GLY A 105 -22.12 -5.66 16.19
N LEU A 106 -21.03 -4.97 16.51
CA LEU A 106 -20.67 -4.62 17.89
C LEU A 106 -21.34 -3.29 18.30
N ARG A 107 -21.77 -3.19 19.56
CA ARG A 107 -22.38 -1.98 20.13
C ARG A 107 -21.29 -1.09 20.72
N GLU A 108 -21.55 0.23 20.80
CA GLU A 108 -20.58 1.18 21.34
C GLU A 108 -20.25 0.83 22.78
N ASP A 109 -21.26 0.35 23.53
CA ASP A 109 -21.17 -0.07 24.92
C ASP A 109 -20.36 -1.38 25.11
N GLU A 110 -20.10 -2.12 24.01
CA GLU A 110 -19.35 -3.39 24.02
C GLU A 110 -17.89 -3.17 23.60
N PHE A 111 -17.59 -1.98 23.07
CA PHE A 111 -16.27 -1.61 22.60
C PHE A 111 -15.28 -1.37 23.74
N HIS A 112 -14.13 -2.05 23.63
CA HIS A 112 -13.01 -1.95 24.56
C HIS A 112 -11.87 -1.26 23.88
N ILE A 113 -11.37 -0.20 24.50
CA ILE A 113 -10.25 0.60 23.99
C ILE A 113 -9.43 1.11 25.17
N SER A 114 -8.10 1.07 25.01
CA SER A 114 -7.17 1.58 25.99
C SER A 114 -5.95 2.14 25.26
N VAL A 115 -5.34 3.19 25.84
CA VAL A 115 -4.15 3.87 25.32
C VAL A 115 -2.91 2.97 25.44
N ILE A 116 -2.09 2.90 24.38
CA ILE A 116 -0.79 2.20 24.36
C ILE A 116 0.30 3.27 24.39
N ARG A 117 0.15 4.30 23.58
CA ARG A 117 1.08 5.42 23.48
C ARG A 117 0.29 6.71 23.26
N GLY A 118 0.55 7.71 24.11
CA GLY A 118 -0.09 9.02 24.02
C GLY A 118 0.66 9.98 23.12
N GLY A 119 0.54 11.27 23.43
CA GLY A 119 1.19 12.36 22.69
C GLY A 119 0.26 13.12 21.78
N LEU A 120 0.83 13.68 20.69
CA LEU A 120 0.09 14.45 19.67
C LEU A 120 0.27 13.76 18.32
N SER A 121 1.49 13.23 18.06
CA SER A 121 1.86 12.48 16.86
C SER A 121 1.82 11.00 17.19
N ASN A 122 1.25 10.20 16.29
CA ASN A 122 1.08 8.75 16.43
C ASN A 122 0.61 8.19 17.78
N MET A 123 -0.66 8.49 18.14
CA MET A 123 -1.28 7.94 19.36
C MET A 123 -1.62 6.49 19.08
N LEU A 124 -1.34 5.61 20.03
CA LEU A 124 -1.59 4.19 19.85
C LEU A 124 -2.64 3.69 20.80
N PHE A 125 -3.55 2.86 20.30
CA PHE A 125 -4.64 2.30 21.10
C PHE A 125 -4.85 0.84 20.82
N GLN A 126 -5.11 0.05 21.86
CA GLN A 126 -5.49 -1.35 21.72
C GLN A 126 -7.04 -1.36 21.76
N CYS A 127 -7.67 -1.85 20.70
CA CYS A 127 -9.12 -1.98 20.58
C CYS A 127 -9.47 -3.47 20.63
N SER A 128 -10.54 -3.85 21.36
CA SER A 128 -10.91 -5.26 21.47
C SER A 128 -12.38 -5.61 21.64
N LEU A 129 -12.70 -6.83 21.22
CA LEU A 129 -14.02 -7.43 21.35
C LEU A 129 -14.21 -7.78 22.85
N PRO A 130 -15.43 -7.74 23.42
CA PRO A 130 -15.59 -8.21 24.82
C PRO A 130 -15.19 -9.69 24.89
N ASP A 131 -14.62 -10.13 26.02
CA ASP A 131 -14.21 -11.54 26.18
C ASP A 131 -15.38 -12.53 26.04
N THR A 132 -16.62 -12.05 26.30
CA THR A 132 -17.87 -12.82 26.19
C THR A 132 -18.35 -12.98 24.74
N THR A 133 -17.80 -12.20 23.79
CA THR A 133 -18.17 -12.27 22.38
C THR A 133 -17.33 -13.32 21.63
N ALA A 134 -18.01 -14.20 20.89
CA ALA A 134 -17.36 -15.22 20.08
C ALA A 134 -17.01 -14.63 18.71
N THR A 135 -15.89 -15.07 18.14
CA THR A 135 -15.45 -14.67 16.80
C THR A 135 -16.28 -15.51 15.80
N LEU A 136 -16.50 -14.99 14.58
CA LEU A 136 -17.30 -15.73 13.59
C LEU A 136 -16.42 -16.45 12.56
N GLY A 137 -15.33 -15.79 12.16
CA GLY A 137 -14.38 -16.31 11.20
C GLY A 137 -12.95 -16.25 11.71
N ASP A 138 -12.08 -15.61 10.95
CA ASP A 138 -10.66 -15.45 11.29
C ASP A 138 -10.30 -14.00 11.69
N GLU A 139 -11.32 -13.20 12.05
CA GLU A 139 -11.15 -11.80 12.46
C GLU A 139 -10.42 -11.71 13.83
N PRO A 140 -9.58 -10.67 14.03
CA PRO A 140 -8.84 -10.56 15.30
C PRO A 140 -9.70 -10.14 16.48
N ARG A 141 -9.30 -10.58 17.68
CA ARG A 141 -9.98 -10.25 18.94
C ARG A 141 -9.56 -8.86 19.37
N LYS A 142 -8.33 -8.49 19.07
CA LYS A 142 -7.75 -7.19 19.40
C LYS A 142 -6.91 -6.66 18.25
N VAL A 143 -6.89 -5.34 18.10
CA VAL A 143 -6.16 -4.61 17.06
C VAL A 143 -5.49 -3.41 17.67
N LEU A 144 -4.52 -2.87 16.95
CA LEU A 144 -3.88 -1.65 17.32
C LEU A 144 -4.39 -0.57 16.36
N LEU A 145 -4.77 0.57 16.92
CA LEU A 145 -5.16 1.75 16.18
C LEU A 145 -3.99 2.73 16.33
N ARG A 146 -3.50 3.22 15.19
CA ARG A 146 -2.45 4.20 15.10
C ARG A 146 -3.11 5.46 14.58
N LEU A 147 -3.12 6.52 15.39
CA LEU A 147 -3.71 7.80 14.98
C LEU A 147 -2.59 8.78 14.70
N TYR A 148 -2.49 9.26 13.45
CA TYR A 148 -1.46 10.22 13.03
C TYR A 148 -1.65 11.58 13.73
N ALA A 174 3.21 16.97 0.90
CA ALA A 174 3.48 16.01 1.97
C ALA A 174 2.78 14.67 1.70
N GLU A 175 3.07 14.08 0.52
CA GLU A 175 2.53 12.80 0.07
C GLU A 175 3.43 11.61 0.47
N ALA A 176 4.21 11.80 1.56
CA ALA A 176 5.08 10.79 2.14
C ALA A 176 4.22 9.73 2.82
N MET A 177 2.91 10.05 2.97
CA MET A 177 1.87 9.21 3.55
C MET A 177 1.49 8.13 2.56
N VAL A 178 1.59 8.41 1.24
CA VAL A 178 1.29 7.45 0.16
C VAL A 178 2.33 6.32 0.20
N LEU A 179 3.63 6.68 0.14
CA LEU A 179 4.76 5.74 0.14
C LEU A 179 4.84 4.92 1.42
N GLU A 180 4.58 5.56 2.57
CA GLU A 180 4.58 4.93 3.89
C GLU A 180 3.48 3.85 3.99
N SER A 181 2.29 4.14 3.44
CA SER A 181 1.11 3.28 3.39
C SER A 181 1.33 2.05 2.49
N VAL A 182 1.86 2.27 1.29
CA VAL A 182 2.23 1.24 0.31
C VAL A 182 3.32 0.32 0.94
N MET A 183 4.35 0.93 1.56
CA MET A 183 5.43 0.21 2.23
C MET A 183 4.87 -0.75 3.30
N PHE A 184 4.01 -0.24 4.24
CA PHE A 184 3.35 -1.02 5.29
C PHE A 184 2.53 -2.17 4.67
N ALA A 185 1.75 -1.89 3.61
CA ALA A 185 0.93 -2.89 2.89
C ALA A 185 1.79 -4.04 2.31
N ILE A 186 2.87 -3.71 1.59
CA ILE A 186 3.82 -4.67 1.00
C ILE A 186 4.45 -5.56 2.07
N LEU A 187 5.00 -4.94 3.14
CA LEU A 187 5.60 -5.68 4.27
C LEU A 187 4.60 -6.57 4.96
N ALA A 188 3.33 -6.10 5.10
CA ALA A 188 2.25 -6.87 5.69
C ALA A 188 1.96 -8.10 4.82
N GLU A 189 1.96 -7.91 3.48
CA GLU A 189 1.74 -9.00 2.50
C GLU A 189 2.86 -10.05 2.50
N ARG A 190 4.12 -9.60 2.61
CA ARG A 190 5.29 -10.50 2.63
C ARG A 190 5.56 -11.12 4.01
N SER A 191 4.66 -10.85 4.99
CA SER A 191 4.70 -11.36 6.38
C SER A 191 5.96 -10.87 7.11
N LEU A 192 6.34 -9.62 6.83
CA LEU A 192 7.51 -8.97 7.41
C LEU A 192 7.15 -7.85 8.38
N GLY A 193 5.86 -7.52 8.41
CA GLY A 193 5.34 -6.50 9.29
C GLY A 193 3.99 -6.90 9.86
N PRO A 194 3.43 -6.09 10.79
CA PRO A 194 2.07 -6.40 11.29
C PRO A 194 1.03 -6.36 10.15
N LYS A 195 0.00 -7.22 10.20
CA LYS A 195 -1.05 -7.21 9.18
C LYS A 195 -1.78 -5.88 9.17
N LEU A 196 -2.16 -5.40 7.96
CA LEU A 196 -2.89 -4.15 7.78
C LEU A 196 -4.37 -4.50 7.64
N TYR A 197 -5.20 -3.98 8.57
CA TYR A 197 -6.64 -4.26 8.61
C TYR A 197 -7.52 -3.14 8.06
N GLY A 198 -7.00 -1.92 8.10
CA GLY A 198 -7.73 -0.75 7.63
C GLY A 198 -6.88 0.48 7.54
N ILE A 199 -7.10 1.23 6.48
CA ILE A 199 -6.41 2.48 6.15
C ILE A 199 -7.46 3.58 5.88
N PHE A 200 -7.27 4.74 6.53
CA PHE A 200 -8.17 5.89 6.47
C PHE A 200 -7.35 7.19 6.66
N PRO A 201 -7.84 8.42 6.40
CA PRO A 201 -6.93 9.58 6.53
C PRO A 201 -6.35 9.87 7.92
N GLN A 202 -7.08 9.53 8.97
CA GLN A 202 -6.69 9.79 10.35
C GLN A 202 -5.72 8.75 10.92
N GLY A 203 -5.60 7.60 10.26
CA GLY A 203 -4.72 6.54 10.74
C GLY A 203 -4.84 5.17 10.08
N ARG A 204 -4.48 4.17 10.85
CA ARG A 204 -4.39 2.77 10.47
C ARG A 204 -4.91 1.85 11.56
N LEU A 205 -5.42 0.68 11.15
CA LEU A 205 -5.77 -0.42 12.04
C LEU A 205 -4.83 -1.54 11.63
N GLU A 206 -3.93 -1.91 12.54
CA GLU A 206 -2.93 -2.94 12.31
C GLU A 206 -3.06 -4.06 13.32
N GLN A 207 -2.49 -5.21 12.98
CA GLN A 207 -2.46 -6.40 13.81
C GLN A 207 -1.83 -6.06 15.16
N PHE A 208 -2.43 -6.58 16.24
CA PHE A 208 -1.85 -6.40 17.57
C PHE A 208 -0.91 -7.59 17.80
N ILE A 209 0.34 -7.31 18.12
CA ILE A 209 1.31 -8.39 18.33
C ILE A 209 1.70 -8.45 19.79
N PRO A 210 1.30 -9.54 20.52
CA PRO A 210 1.68 -9.67 21.94
C PRO A 210 3.18 -9.87 22.03
N SER A 211 3.84 -8.93 22.71
CA SER A 211 5.28 -8.86 22.82
C SER A 211 5.68 -7.70 23.68
N ARG A 212 6.99 -7.48 23.78
CA ARG A 212 7.61 -6.32 24.42
C ARG A 212 8.77 -5.91 23.48
N ARG A 213 9.30 -4.69 23.63
CA ARG A 213 10.43 -4.29 22.83
C ARG A 213 11.66 -4.84 23.56
N LEU A 214 12.81 -4.96 22.86
CA LEU A 214 14.03 -5.41 23.55
C LEU A 214 14.55 -4.21 24.37
N ASP A 215 15.35 -4.47 25.40
CA ASP A 215 16.04 -3.43 26.17
C ASP A 215 17.42 -3.28 25.46
N THR A 216 18.17 -2.14 25.66
CA THR A 216 19.49 -1.94 25.03
C THR A 216 20.47 -3.07 25.35
N GLU A 217 20.53 -3.49 26.62
CA GLU A 217 21.39 -4.55 27.18
C GLU A 217 21.23 -5.90 26.49
N GLU A 218 20.07 -6.14 25.88
CA GLU A 218 19.77 -7.39 25.19
C GLU A 218 20.38 -7.46 23.80
N LEU A 219 20.74 -6.29 23.21
CA LEU A 219 21.39 -6.21 21.88
C LEU A 219 22.70 -6.98 21.80
N SER A 220 23.47 -6.99 22.89
CA SER A 220 24.76 -7.69 22.99
C SER A 220 24.67 -9.22 23.06
N LEU A 221 23.51 -9.76 23.46
CA LEU A 221 23.29 -11.21 23.58
C LEU A 221 23.54 -11.92 22.25
N PRO A 222 24.50 -12.88 22.19
CA PRO A 222 24.84 -13.54 20.92
C PRO A 222 23.69 -14.02 20.04
N ASP A 223 22.67 -14.67 20.65
CA ASP A 223 21.50 -15.21 19.94
C ASP A 223 20.62 -14.10 19.44
N ILE A 224 20.50 -13.01 20.24
CA ILE A 224 19.69 -11.84 19.91
C ILE A 224 20.33 -11.15 18.72
N SER A 225 21.61 -10.81 18.87
CA SER A 225 22.45 -10.16 17.87
C SER A 225 22.45 -10.91 16.54
N ALA A 226 22.60 -12.26 16.60
CA ALA A 226 22.60 -13.12 15.41
C ALA A 226 21.27 -13.05 14.69
N GLU A 227 20.16 -13.01 15.46
CA GLU A 227 18.82 -12.94 14.88
C GLU A 227 18.53 -11.58 14.25
N ILE A 228 18.96 -10.47 14.90
CA ILE A 228 18.81 -9.12 14.34
C ILE A 228 19.52 -9.10 12.96
N ALA A 229 20.78 -9.61 12.89
CA ALA A 229 21.60 -9.74 11.66
C ALA A 229 20.84 -10.45 10.56
N GLU A 230 20.22 -11.61 10.88
CA GLU A 230 19.42 -12.42 9.94
C GLU A 230 18.18 -11.67 9.43
N LYS A 231 17.40 -11.02 10.33
CA LYS A 231 16.23 -10.25 9.90
C LYS A 231 16.61 -8.99 9.12
N MET A 232 17.74 -8.33 9.48
CA MET A 232 18.22 -7.16 8.75
C MET A 232 18.64 -7.58 7.33
N ALA A 233 19.32 -8.75 7.21
CA ALA A 233 19.77 -9.34 5.95
C ALA A 233 18.59 -9.68 5.05
N THR A 234 17.50 -10.18 5.64
CA THR A 234 16.23 -10.53 5.00
C THR A 234 15.57 -9.25 4.51
N PHE A 235 15.54 -8.23 5.37
CA PHE A 235 15.00 -6.91 5.03
C PHE A 235 15.74 -6.29 3.83
N HIS A 236 17.07 -6.50 3.71
CA HIS A 236 17.93 -5.95 2.66
C HIS A 236 17.77 -6.64 1.30
N GLY A 237 17.23 -7.86 1.29
CA GLY A 237 17.01 -8.62 0.07
C GLY A 237 15.71 -8.27 -0.65
N MET A 238 14.88 -7.45 0.02
CA MET A 238 13.58 -6.94 -0.42
C MET A 238 13.67 -6.03 -1.64
N LYS A 239 12.76 -6.24 -2.58
CA LYS A 239 12.58 -5.42 -3.78
C LYS A 239 11.36 -4.57 -3.47
N MET A 240 11.55 -3.25 -3.32
CA MET A 240 10.50 -2.28 -3.00
C MET A 240 10.30 -1.30 -4.18
N PRO A 241 9.07 -0.78 -4.45
CA PRO A 241 8.91 0.13 -5.61
C PRO A 241 9.31 1.58 -5.33
N PHE A 242 10.43 1.78 -4.63
CA PHE A 242 10.92 3.11 -4.31
C PHE A 242 12.19 3.45 -5.10
N ASN A 243 12.59 4.75 -5.08
CA ASN A 243 13.77 5.26 -5.78
C ASN A 243 14.98 4.50 -5.28
N LYS A 244 15.73 3.87 -6.19
CA LYS A 244 16.87 3.05 -5.83
C LYS A 244 18.20 3.80 -5.74
N GLU A 245 18.20 5.11 -6.05
CA GLU A 245 19.41 5.94 -5.95
C GLU A 245 19.66 6.23 -4.47
N PRO A 246 20.90 6.02 -3.97
CA PRO A 246 21.18 6.23 -2.53
C PRO A 246 21.29 7.71 -2.15
N LYS A 247 20.19 8.47 -2.33
CA LYS A 247 20.16 9.90 -2.06
C LYS A 247 19.66 10.24 -0.65
N TRP A 248 19.10 9.24 0.06
CA TRP A 248 18.57 9.41 1.41
C TRP A 248 19.58 10.02 2.38
N LEU A 249 20.72 9.36 2.57
CA LEU A 249 21.78 9.75 3.50
C LEU A 249 22.28 11.18 3.41
N PHE A 250 22.81 11.59 2.26
CA PHE A 250 23.34 12.93 2.13
C PHE A 250 22.27 13.96 1.93
N GLY A 251 21.15 13.54 1.33
CA GLY A 251 19.98 14.39 1.13
C GLY A 251 19.37 14.80 2.46
N THR A 252 19.23 13.83 3.38
CA THR A 252 18.69 14.04 4.74
C THR A 252 19.67 14.91 5.52
N MET A 253 20.98 14.55 5.51
CA MET A 253 22.01 15.32 6.21
C MET A 253 22.09 16.77 5.73
N GLU A 254 22.12 17.02 4.39
CA GLU A 254 22.16 18.40 3.85
C GLU A 254 20.92 19.20 4.28
N LYS A 255 19.75 18.52 4.26
CA LYS A 255 18.44 19.07 4.64
C LYS A 255 18.49 19.49 6.10
N TYR A 256 18.98 18.60 6.99
CA TYR A 256 19.08 18.92 8.41
C TYR A 256 20.07 20.03 8.68
N LEU A 257 21.24 20.01 7.99
CA LEU A 257 22.28 21.03 8.12
C LEU A 257 21.80 22.43 7.72
N LYS A 258 21.12 22.55 6.57
CA LYS A 258 20.55 23.82 6.09
C LYS A 258 19.59 24.39 7.17
N GLU A 259 18.69 23.55 7.71
CA GLU A 259 17.80 23.92 8.80
C GLU A 259 18.64 24.41 10.02
N VAL A 260 19.68 23.64 10.43
CA VAL A 260 20.58 23.94 11.59
C VAL A 260 21.32 25.29 11.48
N LEU A 261 21.84 25.64 10.28
CA LEU A 261 22.49 26.93 10.03
C LEU A 261 21.54 28.16 10.16
N ARG A 262 20.20 27.94 10.06
CA ARG A 262 19.16 28.96 10.19
C ARG A 262 18.56 29.04 11.62
N ILE A 263 18.82 28.03 12.48
CA ILE A 263 18.27 27.96 13.84
C ILE A 263 18.76 29.07 14.76
N LYS A 264 17.83 29.71 15.45
CA LYS A 264 18.07 30.74 16.43
C LYS A 264 17.22 30.40 17.66
N PHE A 265 17.86 29.92 18.73
CA PHE A 265 17.21 29.57 20.00
C PHE A 265 17.06 30.81 20.88
N THR A 266 16.13 30.74 21.84
CA THR A 266 15.89 31.82 22.78
C THR A 266 16.42 31.51 24.18
N GLU A 267 16.39 30.24 24.57
CA GLU A 267 16.82 29.75 25.87
C GLU A 267 18.36 29.74 25.95
N GLU A 268 18.94 30.40 26.98
CA GLU A 268 20.40 30.53 27.15
C GLU A 268 21.22 29.24 27.04
N SER A 269 20.77 28.15 27.69
CA SER A 269 21.50 26.88 27.65
C SER A 269 21.48 26.24 26.25
N ARG A 270 20.38 26.41 25.50
CA ARG A 270 20.25 25.92 24.13
C ARG A 270 21.19 26.68 23.20
N ILE A 271 21.31 28.01 23.42
CA ILE A 271 22.16 28.91 22.65
C ILE A 271 23.62 28.49 22.82
N LYS A 272 24.05 28.29 24.08
CA LYS A 272 25.40 27.85 24.48
C LYS A 272 25.75 26.48 23.88
N LYS A 273 24.81 25.52 23.95
CA LYS A 273 24.95 24.17 23.37
C LYS A 273 25.07 24.20 21.84
N LEU A 274 24.29 25.06 21.16
CA LEU A 274 24.32 25.18 19.70
C LEU A 274 25.61 25.83 19.24
N HIS A 275 26.13 26.79 20.02
CA HIS A 275 27.39 27.48 19.75
C HIS A 275 28.53 26.49 19.67
N LYS A 276 28.62 25.53 20.63
CA LYS A 276 29.65 24.47 20.66
C LYS A 276 29.59 23.56 19.42
N LEU A 277 28.39 23.08 19.05
CA LEU A 277 28.16 22.20 17.90
C LEU A 277 28.52 22.87 16.59
N LEU A 278 28.11 24.13 16.41
CA LEU A 278 28.39 24.96 15.23
C LEU A 278 29.89 25.23 15.06
N SER A 279 30.65 25.33 16.18
CA SER A 279 32.10 25.61 16.21
C SER A 279 32.94 24.51 15.56
N TYR A 280 32.39 23.29 15.44
CA TYR A 280 33.06 22.16 14.79
C TYR A 280 33.14 22.37 13.27
N ASN A 281 32.39 23.37 12.72
CA ASN A 281 32.25 23.70 11.30
C ASN A 281 31.63 22.49 10.60
N LEU A 282 30.32 22.33 10.82
CA LEU A 282 29.52 21.23 10.33
C LEU A 282 29.47 21.14 8.81
N PRO A 283 29.34 22.25 8.03
CA PRO A 283 29.39 22.11 6.56
C PRO A 283 30.73 21.52 6.10
N LEU A 284 31.84 21.98 6.70
CA LEU A 284 33.18 21.48 6.38
C LEU A 284 33.32 20.02 6.81
N GLU A 285 32.78 19.67 7.99
CA GLU A 285 32.79 18.30 8.50
C GLU A 285 31.89 17.37 7.67
N LEU A 286 30.81 17.89 7.07
CA LEU A 286 29.96 17.08 6.20
C LEU A 286 30.73 16.70 4.94
N GLU A 287 31.57 17.61 4.42
CA GLU A 287 32.39 17.37 3.23
C GLU A 287 33.50 16.36 3.47
N ASN A 288 34.16 16.41 4.67
CA ASN A 288 35.16 15.44 5.08
C ASN A 288 34.50 14.03 5.14
N LEU A 289 33.29 13.96 5.72
CA LEU A 289 32.49 12.74 5.79
C LEU A 289 32.10 12.25 4.37
N ARG A 290 31.68 13.16 3.49
CA ARG A 290 31.32 12.83 2.12
C ARG A 290 32.48 12.14 1.38
N SER A 291 33.71 12.71 1.47
CA SER A 291 34.86 12.13 0.77
C SER A 291 35.29 10.79 1.37
N LEU A 292 35.20 10.65 2.71
CA LEU A 292 35.47 9.38 3.36
C LEU A 292 34.47 8.28 2.91
N LEU A 293 33.19 8.62 2.77
CA LEU A 293 32.22 7.62 2.35
C LEU A 293 32.27 7.31 0.85
N GLU A 294 32.73 8.28 0.05
CA GLU A 294 32.96 8.21 -1.40
C GLU A 294 33.97 7.09 -1.72
N SER A 295 35.01 6.94 -0.89
CA SER A 295 36.05 5.93 -1.04
C SER A 295 35.75 4.65 -0.24
N THR A 296 34.51 4.54 0.30
CA THR A 296 34.03 3.39 1.07
C THR A 296 32.89 2.72 0.26
N PRO A 297 33.18 1.66 -0.51
CA PRO A 297 32.12 1.00 -1.29
C PRO A 297 31.12 0.27 -0.40
N SER A 298 29.83 0.44 -0.67
CA SER A 298 28.76 -0.21 0.08
C SER A 298 27.57 -0.48 -0.82
N PRO A 299 27.06 -1.75 -0.87
CA PRO A 299 25.91 -2.06 -1.74
C PRO A 299 24.64 -1.33 -1.30
N VAL A 300 23.87 -0.80 -2.26
CA VAL A 300 22.63 -0.06 -2.00
C VAL A 300 21.51 -1.10 -1.87
N VAL A 301 20.87 -1.12 -0.70
CA VAL A 301 19.80 -2.08 -0.37
C VAL A 301 18.61 -1.38 0.28
N PHE A 302 17.48 -2.10 0.51
CA PHE A 302 16.37 -1.46 1.21
C PHE A 302 16.70 -1.49 2.70
N CYS A 303 16.94 -0.31 3.28
CA CYS A 303 17.35 -0.21 4.68
C CYS A 303 16.23 0.17 5.61
N HIS A 304 16.33 -0.27 6.87
CA HIS A 304 15.39 0.06 7.93
C HIS A 304 15.68 1.49 8.33
N ASN A 305 17.00 1.81 8.48
CA ASN A 305 17.55 3.11 8.85
C ASN A 305 17.42 3.55 10.30
N ASP A 306 16.75 2.73 11.14
CA ASP A 306 16.52 2.99 12.58
C ASP A 306 16.42 1.64 13.35
N CYS A 307 17.31 0.70 13.02
CA CYS A 307 17.30 -0.60 13.66
C CYS A 307 17.90 -0.54 15.07
N GLN A 308 17.07 -0.05 16.00
CA GLN A 308 17.32 0.13 17.43
C GLN A 308 16.37 -0.78 18.22
N GLU A 309 16.67 -0.98 19.52
CA GLU A 309 15.90 -1.85 20.43
C GLU A 309 14.39 -1.58 20.48
N GLY A 310 14.01 -0.30 20.53
CA GLY A 310 12.63 0.17 20.52
C GLY A 310 11.82 -0.17 19.28
N ASN A 311 12.45 -0.72 18.23
CA ASN A 311 11.81 -1.14 16.97
C ASN A 311 11.97 -2.64 16.75
N ILE A 312 12.37 -3.37 17.78
CA ILE A 312 12.51 -4.81 17.70
C ILE A 312 11.59 -5.42 18.75
N LEU A 313 10.67 -6.30 18.29
CA LEU A 313 9.72 -6.96 19.16
C LEU A 313 10.22 -8.34 19.53
N LEU A 314 10.29 -8.61 20.84
CA LEU A 314 10.59 -9.94 21.34
C LEU A 314 9.19 -10.58 21.48
N LEU A 315 8.85 -11.46 20.54
CA LEU A 315 7.55 -12.15 20.44
C LEU A 315 7.21 -13.07 21.62
N GLU A 316 6.06 -12.83 22.25
CA GLU A 316 5.54 -13.60 23.38
C GLU A 316 5.32 -15.06 23.04
N GLY A 317 5.83 -15.93 23.92
CA GLY A 317 5.76 -17.37 23.81
C GLY A 317 6.99 -17.98 23.15
N ARG A 318 7.67 -17.20 22.28
CA ARG A 318 8.83 -17.63 21.49
C ARG A 318 10.22 -17.39 22.11
N GLU A 319 10.29 -16.96 23.39
CA GLU A 319 11.56 -16.69 24.09
C GLU A 319 12.52 -17.92 24.26
N ASN A 320 12.08 -19.11 23.80
CA ASN A 320 12.83 -20.37 23.80
C ASN A 320 13.35 -20.72 22.38
N SER A 321 12.79 -20.05 21.34
CA SER A 321 13.19 -20.24 19.94
C SER A 321 14.45 -19.44 19.67
N GLU A 322 15.59 -20.15 19.58
CA GLU A 322 16.95 -19.63 19.36
C GLU A 322 17.10 -18.66 18.18
N LYS A 323 16.42 -18.95 17.06
CA LYS A 323 16.56 -18.20 15.81
C LYS A 323 15.32 -17.43 15.30
N GLN A 324 14.11 -17.73 15.84
CA GLN A 324 12.84 -17.11 15.39
C GLN A 324 11.96 -16.53 16.51
N LYS A 325 12.51 -15.58 17.29
CA LYS A 325 11.78 -14.95 18.39
C LYS A 325 11.70 -13.42 18.29
N LEU A 326 12.10 -12.84 17.16
CA LEU A 326 12.11 -11.39 16.97
C LEU A 326 11.38 -10.92 15.71
N MET A 327 11.05 -9.62 15.67
CA MET A 327 10.42 -8.95 14.55
C MET A 327 10.84 -7.47 14.52
N LEU A 328 11.31 -6.98 13.34
CA LEU A 328 11.67 -5.56 13.13
C LEU A 328 10.41 -4.83 12.68
N ILE A 329 10.09 -3.72 13.34
CA ILE A 329 8.91 -2.88 13.09
C ILE A 329 9.31 -1.38 12.98
N ASP A 330 8.33 -0.47 12.72
CA ASP A 330 8.47 0.99 12.58
C ASP A 330 9.42 1.34 11.45
N PHE A 331 8.91 1.30 10.22
CA PHE A 331 9.67 1.52 8.99
C PHE A 331 9.50 2.92 8.43
N GLU A 332 9.31 3.92 9.31
CA GLU A 332 9.11 5.32 8.91
C GLU A 332 10.34 6.05 8.29
N TYR A 333 11.57 5.54 8.51
CA TYR A 333 12.83 6.11 8.02
C TYR A 333 13.40 5.28 6.86
N SER A 334 12.77 4.13 6.59
CA SER A 334 13.15 3.18 5.55
C SER A 334 13.27 3.77 4.19
N SER A 335 14.27 3.31 3.44
CA SER A 335 14.57 3.75 2.08
C SER A 335 15.71 2.93 1.55
N TYR A 336 16.02 3.14 0.27
CA TYR A 336 17.19 2.54 -0.35
C TYR A 336 18.36 3.37 0.13
N ASN A 337 19.30 2.69 0.77
CA ASN A 337 20.44 3.33 1.37
C ASN A 337 21.62 2.36 1.32
N TYR A 338 22.82 2.85 1.68
CA TYR A 338 24.00 2.01 1.72
C TYR A 338 23.86 1.01 2.86
N ARG A 339 24.10 -0.28 2.58
CA ARG A 339 24.03 -1.35 3.57
C ARG A 339 24.86 -0.96 4.84
N GLY A 340 26.02 -0.32 4.61
CA GLY A 340 26.92 0.14 5.66
C GLY A 340 26.22 0.93 6.75
N PHE A 341 25.27 1.82 6.35
CA PHE A 341 24.49 2.66 7.25
C PHE A 341 23.62 1.84 8.18
N ASP A 342 22.79 0.94 7.62
CA ASP A 342 21.88 0.11 8.42
C ASP A 342 22.60 -0.66 9.53
N ILE A 343 23.76 -1.27 9.22
CA ILE A 343 24.57 -2.03 10.19
C ILE A 343 25.35 -1.10 11.14
N GLY A 344 25.97 -0.06 10.60
CA GLY A 344 26.71 0.94 11.36
C GLY A 344 25.82 1.63 12.38
N ASN A 345 24.59 2.03 11.95
CA ASN A 345 23.56 2.63 12.79
C ASN A 345 23.13 1.66 13.92
N HIS A 346 22.91 0.39 13.58
CA HIS A 346 22.58 -0.61 14.62
C HIS A 346 23.71 -0.73 15.69
N PHE A 347 24.99 -0.72 15.24
CA PHE A 347 26.14 -0.84 16.14
C PHE A 347 26.22 0.37 17.07
N CYS A 348 25.87 1.58 16.56
CA CYS A 348 25.83 2.84 17.33
C CYS A 348 24.78 2.77 18.41
N GLU A 349 23.62 2.13 18.09
CA GLU A 349 22.49 1.93 19.02
C GLU A 349 22.78 1.15 20.30
N TRP A 350 23.89 0.40 20.34
CA TRP A 350 24.33 -0.33 21.54
C TRP A 350 24.75 0.67 22.63
N MET A 351 25.24 1.85 22.22
CA MET A 351 25.74 2.90 23.11
C MET A 351 24.66 3.76 23.76
N TYR A 352 23.41 3.74 23.24
CA TYR A 352 22.33 4.60 23.73
C TYR A 352 21.16 3.88 24.35
N ASP A 353 20.82 4.25 25.59
CA ASP A 353 19.66 3.72 26.31
C ASP A 353 18.63 4.88 26.42
N TYR A 354 17.45 4.69 25.83
CA TYR A 354 16.40 5.71 25.77
C TYR A 354 15.33 5.57 26.89
N SER A 355 15.54 4.60 27.79
CA SER A 355 14.63 4.30 28.88
C SER A 355 15.00 5.09 30.17
N TYR A 356 16.06 5.91 30.13
CA TYR A 356 16.47 6.72 31.29
C TYR A 356 15.30 7.63 31.68
N GLU A 357 14.75 7.46 32.90
CA GLU A 357 13.55 8.19 33.38
C GLU A 357 13.71 9.65 33.82
N LYS A 358 14.94 10.17 33.82
CA LYS A 358 15.20 11.57 34.19
C LYS A 358 15.84 12.27 33.01
N TYR A 359 15.68 13.61 32.91
CA TYR A 359 16.25 14.45 31.87
C TYR A 359 17.76 14.20 31.80
N PRO A 360 18.39 14.02 30.62
CA PRO A 360 17.90 14.19 29.22
C PRO A 360 17.05 13.08 28.59
N PHE A 361 16.66 12.05 29.38
CA PHE A 361 15.84 10.92 28.96
C PHE A 361 16.58 9.92 28.13
N PHE A 362 17.91 9.90 28.26
CA PHE A 362 18.79 8.96 27.60
C PHE A 362 20.11 8.87 28.36
N ARG A 363 20.80 7.74 28.19
CA ARG A 363 22.13 7.46 28.71
C ARG A 363 23.07 7.09 27.54
N ALA A 364 24.25 7.72 27.48
CA ALA A 364 25.20 7.42 26.42
C ALA A 364 26.45 6.80 27.04
N ASN A 365 26.91 5.68 26.44
CA ASN A 365 28.11 4.97 26.88
C ASN A 365 28.89 4.40 25.69
N ILE A 366 29.95 5.11 25.31
CA ILE A 366 30.88 4.77 24.24
C ILE A 366 31.53 3.37 24.39
N ARG A 367 31.67 2.90 25.63
CA ARG A 367 32.28 1.60 25.95
C ARG A 367 31.38 0.42 25.60
N LYS A 368 30.06 0.67 25.45
CA LYS A 368 29.05 -0.33 25.10
C LYS A 368 29.00 -0.61 23.59
N TYR A 369 29.79 0.11 22.78
CA TYR A 369 29.91 -0.09 21.33
C TYR A 369 30.44 -1.51 21.13
N PRO A 370 30.01 -2.29 20.09
CA PRO A 370 30.47 -3.67 19.99
C PRO A 370 31.96 -3.80 19.72
N THR A 371 32.59 -4.83 20.32
CA THR A 371 34.01 -5.12 20.10
C THR A 371 34.14 -5.77 18.74
N LYS A 372 35.36 -5.86 18.18
CA LYS A 372 35.61 -6.50 16.90
C LYS A 372 34.94 -7.89 16.87
N LYS A 373 35.00 -8.61 18.01
CA LYS A 373 34.43 -9.93 18.28
C LYS A 373 32.92 -9.95 18.15
N GLN A 374 32.24 -8.94 18.73
CA GLN A 374 30.79 -8.80 18.72
C GLN A 374 30.30 -8.40 17.34
N GLN A 375 31.05 -7.50 16.66
CA GLN A 375 30.79 -7.05 15.29
C GLN A 375 30.94 -8.21 14.32
N LEU A 376 32.04 -8.99 14.45
CA LEU A 376 32.29 -10.17 13.61
C LEU A 376 31.21 -11.22 13.77
N HIS A 377 30.71 -11.41 15.00
CA HIS A 377 29.64 -12.36 15.28
C HIS A 377 28.34 -11.92 14.55
N PHE A 378 28.05 -10.60 14.57
CA PHE A 378 26.90 -10.01 13.90
C PHE A 378 27.04 -10.21 12.39
N ILE A 379 28.18 -9.83 11.81
CA ILE A 379 28.38 -9.97 10.36
C ILE A 379 28.50 -11.43 9.92
N SER A 380 28.85 -12.35 10.85
CA SER A 380 28.94 -13.77 10.55
C SER A 380 27.56 -14.40 10.39
N SER A 381 26.51 -13.78 10.96
CA SER A 381 25.13 -14.23 10.81
C SER A 381 24.49 -13.49 9.65
N TYR A 382 24.92 -12.25 9.41
CA TYR A 382 24.39 -11.41 8.34
C TYR A 382 24.73 -11.94 6.96
N LEU A 383 26.00 -12.29 6.77
CA LEU A 383 26.57 -12.75 5.51
C LEU A 383 25.96 -14.01 4.90
N PRO A 384 25.82 -15.17 5.62
CA PRO A 384 25.17 -16.33 4.99
C PRO A 384 23.67 -16.15 4.80
N ALA A 385 23.07 -15.24 5.58
CA ALA A 385 21.65 -14.91 5.50
C ALA A 385 21.39 -14.06 4.25
N PHE A 386 22.36 -13.20 3.89
CA PHE A 386 22.28 -12.30 2.73
C PHE A 386 22.59 -12.95 1.38
N GLN A 387 23.71 -13.71 1.26
CA GLN A 387 24.07 -14.34 -0.02
C GLN A 387 23.82 -15.85 -0.20
N ASN A 388 23.71 -16.61 0.92
CA ASN A 388 23.39 -18.07 0.97
C ASN A 388 24.45 -19.05 0.43
N ASP A 389 25.35 -18.57 -0.45
CA ASP A 389 26.43 -19.37 -0.99
C ASP A 389 27.72 -19.08 -0.18
N PHE A 390 27.64 -18.05 0.71
CA PHE A 390 28.73 -17.52 1.54
C PHE A 390 29.57 -18.54 2.28
N GLU A 391 28.94 -19.51 2.97
CA GLU A 391 29.69 -20.51 3.74
C GLU A 391 30.62 -21.38 2.91
N ASN A 392 30.28 -21.58 1.61
CA ASN A 392 31.04 -22.39 0.66
C ASN A 392 32.21 -21.67 -0.04
N LEU A 393 32.53 -20.45 0.42
CA LEU A 393 33.67 -19.68 -0.12
C LEU A 393 34.89 -20.01 0.75
N SER A 394 36.10 -19.86 0.19
CA SER A 394 37.37 -20.10 0.88
C SER A 394 37.52 -19.25 2.16
N THR A 395 38.31 -19.75 3.12
CA THR A 395 38.59 -19.10 4.40
C THR A 395 39.24 -17.72 4.20
N GLU A 396 40.10 -17.57 3.18
CA GLU A 396 40.75 -16.31 2.84
C GLU A 396 39.76 -15.33 2.21
N GLU A 397 38.83 -15.82 1.38
CA GLU A 397 37.81 -14.99 0.74
C GLU A 397 36.81 -14.53 1.80
N LYS A 398 36.35 -15.44 2.68
CA LYS A 398 35.42 -15.13 3.76
C LYS A 398 36.01 -14.09 4.70
N SER A 399 37.29 -14.25 5.10
CA SER A 399 38.00 -13.31 5.97
C SER A 399 38.20 -11.93 5.33
N ILE A 400 38.47 -11.88 4.00
CA ILE A 400 38.61 -10.64 3.22
C ILE A 400 37.25 -9.91 3.20
N ILE A 401 36.16 -10.60 2.76
CA ILE A 401 34.78 -10.05 2.76
C ILE A 401 34.47 -9.42 4.15
N LYS A 402 34.68 -10.20 5.24
CA LYS A 402 34.45 -9.80 6.62
C LYS A 402 35.25 -8.58 7.06
N GLU A 403 36.57 -8.55 6.82
CA GLU A 403 37.45 -7.43 7.20
C GLU A 403 37.11 -6.12 6.45
N GLU A 404 36.71 -6.24 5.17
CA GLU A 404 36.26 -5.11 4.34
C GLU A 404 34.91 -4.63 4.90
N MET A 405 34.05 -5.59 5.33
CA MET A 405 32.74 -5.27 5.89
C MET A 405 32.84 -4.50 7.22
N LEU A 406 33.74 -4.91 8.13
CA LEU A 406 33.92 -4.20 9.39
C LEU A 406 34.30 -2.74 9.15
N LEU A 407 35.30 -2.49 8.27
CA LEU A 407 35.76 -1.15 7.89
C LEU A 407 34.62 -0.30 7.30
N GLU A 408 33.80 -0.91 6.42
CA GLU A 408 32.66 -0.26 5.76
C GLU A 408 31.59 0.17 6.77
N VAL A 409 31.16 -0.72 7.68
CA VAL A 409 30.13 -0.42 8.67
C VAL A 409 30.61 0.54 9.77
N ASN A 410 31.90 0.51 10.07
CA ASN A 410 32.51 1.37 11.07
C ASN A 410 32.70 2.77 10.61
N ARG A 411 32.86 2.97 9.29
CA ARG A 411 32.98 4.29 8.68
C ARG A 411 31.60 4.90 8.51
N PHE A 412 30.61 4.06 8.15
CA PHE A 412 29.21 4.51 7.98
C PHE A 412 28.54 4.84 9.32
N ALA A 413 29.06 4.28 10.42
CA ALA A 413 28.62 4.57 11.78
C ALA A 413 28.83 6.07 12.03
N LEU A 414 29.85 6.70 11.37
CA LEU A 414 30.11 8.14 11.48
C LEU A 414 28.93 8.93 10.93
N ALA A 415 28.31 8.45 9.82
CA ALA A 415 27.14 9.07 9.21
C ALA A 415 25.92 8.89 10.14
N SER A 416 25.87 7.79 10.92
CA SER A 416 24.80 7.56 11.91
C SER A 416 24.88 8.69 12.98
N HIS A 417 26.04 8.91 13.55
CA HIS A 417 26.27 9.98 14.54
C HIS A 417 25.97 11.36 13.97
N PHE A 418 26.47 11.65 12.75
CA PHE A 418 26.26 12.93 12.08
C PHE A 418 24.77 13.21 11.82
N LEU A 419 24.08 12.23 11.18
CA LEU A 419 22.66 12.33 10.82
C LEU A 419 21.75 12.53 12.04
N TRP A 420 21.95 11.72 13.10
CA TRP A 420 21.07 11.87 14.25
C TRP A 420 21.43 13.05 15.14
N GLY A 421 22.66 13.53 15.05
CA GLY A 421 23.11 14.72 15.76
C GLY A 421 22.40 15.94 15.20
N LEU A 422 22.31 16.01 13.85
CA LEU A 422 21.64 17.13 13.16
C LEU A 422 20.13 17.08 13.36
N TRP A 423 19.53 15.89 13.21
CA TRP A 423 18.10 15.62 13.42
C TRP A 423 17.71 16.13 14.81
N SER A 424 18.52 15.74 15.83
CA SER A 424 18.34 16.14 17.23
C SER A 424 18.36 17.66 17.44
N ILE A 425 19.21 18.39 16.72
CA ILE A 425 19.23 19.87 16.83
C ILE A 425 17.91 20.44 16.29
N VAL A 426 17.46 19.95 15.12
CA VAL A 426 16.23 20.38 14.45
C VAL A 426 15.03 20.07 15.37
N GLN A 427 15.01 18.88 15.98
CA GLN A 427 13.97 18.47 16.90
C GLN A 427 13.88 19.39 18.12
N ALA A 428 15.02 19.94 18.58
CA ALA A 428 15.05 20.87 19.71
C ALA A 428 14.21 22.10 19.36
N LYS A 429 14.30 22.56 18.11
CA LYS A 429 13.49 23.69 17.61
C LYS A 429 12.03 23.32 17.40
N ILE A 430 11.75 22.22 16.64
CA ILE A 430 10.42 21.83 16.18
C ILE A 430 9.57 20.85 17.02
N SER A 431 10.18 19.95 17.80
CA SER A 431 9.41 18.97 18.57
C SER A 431 8.80 19.51 19.85
N SER A 432 7.68 18.87 20.28
CA SER A 432 6.89 19.16 21.48
C SER A 432 7.13 18.08 22.55
N ILE A 433 7.71 16.94 22.13
CA ILE A 433 8.05 15.79 22.97
C ILE A 433 9.22 16.15 23.88
N GLU A 434 9.11 15.86 25.19
CA GLU A 434 10.16 16.11 26.17
C GLU A 434 11.29 15.09 26.00
N PHE A 435 12.46 15.59 25.64
CA PHE A 435 13.69 14.82 25.41
C PHE A 435 14.79 15.84 25.45
N GLY A 436 15.94 15.46 25.95
CA GLY A 436 17.10 16.34 25.99
C GLY A 436 17.82 16.31 24.66
N TYR A 437 17.20 16.88 23.62
CA TYR A 437 17.69 16.94 22.24
C TYR A 437 19.07 17.54 22.02
N MET A 438 19.38 18.67 22.68
CA MET A 438 20.67 19.36 22.55
C MET A 438 21.79 18.53 23.19
N ASP A 439 21.50 17.88 24.35
CA ASP A 439 22.44 16.99 25.05
C ASP A 439 22.65 15.76 24.18
N TYR A 440 21.58 15.27 23.54
CA TYR A 440 21.66 14.13 22.62
C TYR A 440 22.51 14.44 21.38
N ALA A 441 22.40 15.66 20.85
CA ALA A 441 23.21 16.10 19.71
C ALA A 441 24.69 16.05 20.06
N GLN A 442 25.08 16.64 21.23
CA GLN A 442 26.45 16.63 21.74
C GLN A 442 26.96 15.22 21.95
N ALA A 443 26.11 14.32 22.50
CA ALA A 443 26.44 12.91 22.70
C ALA A 443 26.81 12.23 21.37
N ARG A 444 26.07 12.51 20.29
CA ARG A 444 26.33 11.93 18.96
C ARG A 444 27.59 12.53 18.33
N PHE A 445 27.84 13.83 18.54
CA PHE A 445 29.02 14.49 18.00
C PHE A 445 30.28 14.07 18.74
N ASP A 446 30.20 13.96 20.08
CA ASP A 446 31.30 13.43 20.90
C ASP A 446 31.71 12.04 20.39
N ALA A 447 30.73 11.16 20.13
CA ALA A 447 30.94 9.80 19.62
C ALA A 447 31.54 9.83 18.25
N TYR A 448 31.06 10.74 17.39
CA TYR A 448 31.52 10.94 16.02
C TYR A 448 33.04 11.17 15.96
N PHE A 449 33.55 12.12 16.77
CA PHE A 449 34.98 12.45 16.83
C PHE A 449 35.77 11.35 17.48
N HIS A 450 35.17 10.64 18.46
CA HIS A 450 35.80 9.51 19.12
C HIS A 450 35.96 8.34 18.12
N GLN A 451 34.95 8.13 17.26
CA GLN A 451 35.02 7.09 16.24
C GLN A 451 36.01 7.46 15.12
N LYS A 452 36.18 8.77 14.85
CA LYS A 452 37.14 9.27 13.86
C LYS A 452 38.55 8.90 14.30
N ARG A 453 38.90 9.20 15.59
CA ARG A 453 40.18 8.92 16.22
C ARG A 453 40.50 7.41 16.22
N LYS A 454 39.49 6.58 16.54
CA LYS A 454 39.60 5.11 16.54
C LYS A 454 39.92 4.59 15.14
N LEU A 455 39.25 5.13 14.11
CA LEU A 455 39.48 4.71 12.72
C LEU A 455 40.78 5.30 12.14
N GLY A 456 41.37 6.27 12.84
CA GLY A 456 42.60 6.94 12.42
C GLY A 456 42.41 7.84 11.21
N VAL A 457 41.13 8.21 10.93
CA VAL A 457 40.72 9.05 9.81
C VAL A 457 40.49 10.50 10.26
N ARG B 90 12.55 12.89 -18.26
CA ARG B 90 11.70 12.77 -17.07
C ARG B 90 11.41 11.30 -16.77
N ALA B 91 10.88 10.58 -17.78
CA ALA B 91 10.55 9.15 -17.78
C ALA B 91 11.82 8.34 -17.76
N TYR B 92 12.87 8.86 -18.42
CA TYR B 92 14.19 8.26 -18.46
C TYR B 92 14.72 8.18 -17.02
N LEU B 93 14.57 9.27 -16.26
CA LEU B 93 15.01 9.38 -14.87
C LEU B 93 14.13 8.60 -13.92
N TRP B 94 12.89 8.29 -14.30
CA TRP B 94 12.04 7.45 -13.47
C TRP B 94 12.44 5.99 -13.64
N CYS B 95 12.65 5.57 -14.90
CA CYS B 95 13.07 4.22 -15.26
C CYS B 95 14.50 3.93 -14.84
N LYS B 96 15.38 4.94 -14.84
CA LYS B 96 16.78 4.79 -14.45
C LYS B 96 16.91 4.64 -12.94
N GLU B 97 16.12 5.43 -12.17
CA GLU B 97 16.18 5.47 -10.71
C GLU B 97 15.38 4.38 -9.98
N PHE B 98 14.25 3.93 -10.54
CA PHE B 98 13.36 2.95 -9.91
C PHE B 98 13.55 1.50 -10.36
N LEU B 99 14.13 1.26 -11.53
CA LEU B 99 14.29 -0.08 -12.07
C LEU B 99 15.69 -0.67 -11.89
N PRO B 100 15.81 -1.99 -11.56
CA PRO B 100 17.15 -2.56 -11.32
C PRO B 100 17.93 -2.97 -12.57
N GLY B 101 19.15 -3.47 -12.33
CA GLY B 101 20.08 -3.96 -13.35
C GLY B 101 20.43 -2.98 -14.45
N ALA B 102 20.35 -3.45 -15.71
CA ALA B 102 20.66 -2.69 -16.95
C ALA B 102 20.04 -1.29 -17.06
N TRP B 103 18.96 -1.02 -16.29
CA TRP B 103 18.28 0.28 -16.27
C TRP B 103 19.11 1.27 -15.46
N ARG B 104 19.82 0.78 -14.42
CA ARG B 104 20.66 1.60 -13.52
C ARG B 104 21.87 2.20 -14.24
N GLY B 105 22.16 1.68 -15.43
CA GLY B 105 23.21 2.15 -16.31
C GLY B 105 22.59 3.10 -17.31
N LEU B 106 22.07 2.53 -18.43
CA LEU B 106 21.39 3.18 -19.55
C LEU B 106 21.87 4.61 -19.90
N HIS B 112 14.33 3.89 -24.69
CA HIS B 112 13.19 3.79 -25.59
C HIS B 112 11.86 4.04 -24.89
N ILE B 113 11.00 4.87 -25.50
CA ILE B 113 9.66 5.20 -25.02
C ILE B 113 8.66 5.32 -26.20
N SER B 114 7.40 4.90 -25.96
CA SER B 114 6.27 4.95 -26.89
C SER B 114 5.03 5.41 -26.09
N VAL B 115 3.99 5.94 -26.76
CA VAL B 115 2.76 6.38 -26.07
C VAL B 115 1.81 5.20 -25.85
N LEU B 124 -0.46 6.65 -20.72
CA LEU B 124 0.25 5.36 -20.76
C LEU B 124 1.45 5.42 -21.66
N PHE B 125 2.57 4.80 -21.24
CA PHE B 125 3.82 4.79 -21.98
C PHE B 125 4.52 3.44 -21.89
N GLN B 126 5.10 2.98 -23.02
CA GLN B 126 5.83 1.71 -23.08
C GLN B 126 7.33 2.02 -23.10
N CYS B 127 7.99 1.88 -21.94
CA CYS B 127 9.41 2.15 -21.76
C CYS B 127 10.22 0.88 -21.90
N SER B 128 11.24 0.90 -22.77
CA SER B 128 12.05 -0.30 -23.04
C SER B 128 13.56 -0.06 -23.13
N LEU B 129 14.32 -1.15 -22.92
CA LEU B 129 15.77 -1.21 -23.03
C LEU B 129 16.14 -1.61 -24.48
N PRO B 130 17.36 -1.25 -25.00
CA PRO B 130 17.73 -1.69 -26.37
C PRO B 130 17.86 -3.21 -26.48
N ASP B 131 17.47 -3.78 -27.63
CA ASP B 131 17.47 -5.23 -27.91
C ASP B 131 18.81 -5.93 -27.70
N THR B 132 19.92 -5.21 -27.90
CA THR B 132 21.29 -5.70 -27.72
C THR B 132 21.74 -5.73 -26.25
N THR B 133 21.03 -4.99 -25.36
CA THR B 133 21.36 -4.93 -23.93
C THR B 133 20.94 -6.23 -23.26
N ALA B 134 21.87 -6.83 -22.49
CA ALA B 134 21.66 -8.08 -21.78
C ALA B 134 21.22 -7.84 -20.34
N THR B 135 20.15 -8.53 -19.92
CA THR B 135 19.63 -8.42 -18.56
C THR B 135 20.61 -9.00 -17.57
N LEU B 136 20.95 -8.22 -16.53
CA LEU B 136 21.90 -8.60 -15.49
C LEU B 136 21.29 -9.63 -14.52
N GLY B 137 19.98 -9.55 -14.32
CA GLY B 137 19.21 -10.44 -13.45
C GLY B 137 17.76 -10.64 -13.87
N ASP B 138 16.85 -10.44 -12.92
CA ASP B 138 15.41 -10.61 -13.15
C ASP B 138 14.66 -9.33 -13.55
N GLU B 139 15.39 -8.21 -13.81
CA GLU B 139 14.79 -6.93 -14.21
C GLU B 139 14.01 -7.04 -15.54
N PRO B 140 12.97 -6.20 -15.78
CA PRO B 140 12.20 -6.35 -17.03
C PRO B 140 12.79 -5.60 -18.20
N ARG B 141 12.68 -6.20 -19.39
CA ARG B 141 13.16 -5.62 -20.63
C ARG B 141 12.24 -4.48 -21.05
N LYS B 142 10.92 -4.63 -20.78
CA LYS B 142 9.85 -3.70 -21.15
C LYS B 142 8.90 -3.42 -19.94
N VAL B 143 8.69 -2.13 -19.60
CA VAL B 143 7.82 -1.71 -18.50
C VAL B 143 6.77 -0.72 -18.97
N LEU B 144 5.69 -0.55 -18.20
CA LEU B 144 4.59 0.37 -18.47
C LEU B 144 4.59 1.53 -17.48
N LEU B 145 4.54 2.77 -18.01
CA LEU B 145 4.51 4.01 -17.24
C LEU B 145 3.13 4.65 -17.30
N ARG B 146 2.58 5.02 -16.14
CA ARG B 146 1.26 5.60 -16.01
C ARG B 146 1.37 6.99 -15.40
N LEU B 147 1.21 8.03 -16.25
CA LEU B 147 1.27 9.43 -15.81
C LEU B 147 -0.11 9.94 -15.41
N TYR B 148 -0.29 10.33 -14.13
CA TYR B 148 -1.56 10.89 -13.63
C TYR B 148 -1.74 12.31 -14.25
N GLY B 149 -2.92 12.92 -14.07
CA GLY B 149 -3.20 14.26 -14.60
C GLY B 149 -4.50 14.87 -14.12
N GLU B 175 -8.86 10.40 0.34
CA GLU B 175 -7.43 10.37 0.64
C GLU B 175 -6.49 11.06 -0.41
N ALA B 176 -6.58 10.78 -1.74
CA ALA B 176 -7.43 9.81 -2.45
C ALA B 176 -6.52 8.83 -3.20
N MET B 177 -5.26 9.23 -3.43
CA MET B 177 -4.28 8.40 -4.11
C MET B 177 -3.73 7.29 -3.23
N VAL B 178 -3.75 7.51 -1.89
CA VAL B 178 -3.30 6.57 -0.86
C VAL B 178 -4.01 5.21 -1.02
N LEU B 179 -5.35 5.24 -1.16
CA LEU B 179 -6.17 4.04 -1.31
C LEU B 179 -5.95 3.25 -2.59
N GLU B 180 -5.86 3.94 -3.75
CA GLU B 180 -5.63 3.28 -5.04
C GLU B 180 -4.23 2.64 -5.10
N SER B 181 -3.24 3.35 -4.55
CA SER B 181 -1.85 2.91 -4.47
C SER B 181 -1.70 1.62 -3.64
N VAL B 182 -2.29 1.60 -2.42
CA VAL B 182 -2.25 0.46 -1.47
C VAL B 182 -2.96 -0.74 -2.11
N MET B 183 -4.06 -0.49 -2.80
CA MET B 183 -4.86 -1.51 -3.49
C MET B 183 -4.08 -2.14 -4.62
N PHE B 184 -3.40 -1.33 -5.45
CA PHE B 184 -2.59 -1.80 -6.58
C PHE B 184 -1.39 -2.56 -6.05
N ALA B 185 -0.78 -2.08 -4.94
CA ALA B 185 0.37 -2.75 -4.28
C ALA B 185 -0.05 -4.13 -3.82
N ILE B 186 -1.23 -4.24 -3.13
CA ILE B 186 -1.78 -5.51 -2.59
C ILE B 186 -2.07 -6.54 -3.69
N LEU B 187 -2.76 -6.10 -4.75
CA LEU B 187 -3.13 -6.96 -5.89
C LEU B 187 -1.85 -7.43 -6.62
N ALA B 188 -0.81 -6.58 -6.67
CA ALA B 188 0.49 -6.93 -7.25
C ALA B 188 1.15 -8.02 -6.40
N GLU B 189 1.18 -7.83 -5.06
CA GLU B 189 1.73 -8.79 -4.10
C GLU B 189 1.02 -10.15 -4.12
N ARG B 190 -0.30 -10.15 -4.37
CA ARG B 190 -1.11 -11.36 -4.39
C ARG B 190 -1.22 -11.98 -5.78
N SER B 191 -0.54 -11.37 -6.79
CA SER B 191 -0.51 -11.78 -8.20
C SER B 191 -1.86 -11.80 -8.93
N LEU B 192 -2.76 -10.90 -8.52
CA LEU B 192 -4.08 -10.75 -9.15
C LEU B 192 -4.09 -9.45 -9.98
N GLY B 193 -2.93 -8.80 -10.01
CA GLY B 193 -2.71 -7.57 -10.76
C GLY B 193 -1.30 -7.50 -11.33
N PRO B 194 -1.01 -6.47 -12.15
CA PRO B 194 0.36 -6.30 -12.66
C PRO B 194 1.30 -5.90 -11.52
N LYS B 195 2.58 -6.27 -11.62
CA LYS B 195 3.58 -5.92 -10.62
C LYS B 195 3.78 -4.41 -10.53
N LEU B 196 4.08 -3.91 -9.31
CA LEU B 196 4.35 -2.50 -9.10
C LEU B 196 5.87 -2.28 -8.98
N TYR B 197 6.49 -1.66 -9.97
CA TYR B 197 7.95 -1.44 -10.00
C TYR B 197 8.39 -0.10 -9.43
N GLY B 198 7.52 0.88 -9.49
CA GLY B 198 7.85 2.19 -8.99
C GLY B 198 6.62 3.00 -8.68
N ILE B 199 6.72 3.81 -7.63
CA ILE B 199 5.66 4.69 -7.18
C ILE B 199 6.27 6.06 -6.85
N PHE B 200 5.77 7.10 -7.50
CA PHE B 200 6.23 8.48 -7.34
C PHE B 200 5.00 9.42 -7.40
N PRO B 201 5.10 10.74 -7.07
CA PRO B 201 3.89 11.58 -7.10
C PRO B 201 3.21 11.74 -8.47
N GLN B 202 4.01 11.86 -9.53
CA GLN B 202 3.55 12.07 -10.91
C GLN B 202 2.83 10.84 -11.54
N GLY B 203 3.09 9.65 -11.01
CA GLY B 203 2.50 8.42 -11.51
C GLY B 203 3.10 7.15 -10.97
N ARG B 204 3.21 6.13 -11.83
CA ARG B 204 3.76 4.84 -11.42
C ARG B 204 4.29 3.97 -12.55
N LEU B 205 5.21 3.04 -12.18
CA LEU B 205 5.82 2.09 -13.11
C LEU B 205 5.25 0.73 -12.78
N GLU B 206 4.59 0.12 -13.77
CA GLU B 206 3.96 -1.18 -13.60
C GLU B 206 4.54 -2.19 -14.61
N GLN B 207 4.28 -3.48 -14.34
CA GLN B 207 4.62 -4.57 -15.24
C GLN B 207 3.85 -4.35 -16.55
N PHE B 208 4.50 -4.66 -17.69
CA PHE B 208 3.90 -4.58 -19.01
C PHE B 208 3.50 -6.00 -19.34
N ILE B 209 2.22 -6.24 -19.55
CA ILE B 209 1.72 -7.60 -19.81
C ILE B 209 1.41 -7.78 -21.29
N PRO B 210 2.13 -8.68 -22.00
CA PRO B 210 1.83 -8.88 -23.42
C PRO B 210 0.44 -9.52 -23.56
N SER B 211 -0.47 -8.75 -24.12
CA SER B 211 -1.87 -9.12 -24.24
C SER B 211 -2.56 -8.21 -25.23
N ARG B 212 -3.89 -8.29 -25.20
CA ARG B 212 -4.85 -7.46 -25.89
C ARG B 212 -6.12 -7.51 -25.04
N ARG B 213 -6.92 -6.46 -25.11
CA ARG B 213 -8.18 -6.43 -24.39
C ARG B 213 -9.17 -7.28 -25.20
N LEU B 214 -10.21 -7.81 -24.54
CA LEU B 214 -11.23 -8.55 -25.28
C LEU B 214 -12.14 -7.53 -25.98
N ASP B 215 -12.83 -7.99 -27.01
CA ASP B 215 -13.83 -7.19 -27.70
C ASP B 215 -15.14 -7.60 -27.05
N THR B 216 -16.21 -6.81 -27.27
CA THR B 216 -17.56 -7.05 -26.74
C THR B 216 -18.14 -8.42 -27.11
N GLU B 217 -18.00 -8.84 -28.38
CA GLU B 217 -18.54 -10.11 -28.89
C GLU B 217 -17.96 -11.34 -28.19
N GLU B 218 -16.74 -11.22 -27.66
CA GLU B 218 -16.06 -12.29 -26.96
C GLU B 218 -16.60 -12.51 -25.56
N LEU B 219 -17.28 -11.50 -24.96
CA LEU B 219 -17.88 -11.64 -23.62
C LEU B 219 -18.89 -12.78 -23.56
N SER B 220 -19.52 -13.06 -24.71
CA SER B 220 -20.58 -14.06 -24.84
C SER B 220 -20.07 -15.48 -25.01
N LEU B 221 -18.77 -15.62 -25.34
CA LEU B 221 -18.14 -16.92 -25.56
C LEU B 221 -18.18 -17.73 -24.27
N PRO B 222 -18.69 -18.98 -24.30
CA PRO B 222 -18.81 -19.76 -23.04
C PRO B 222 -17.57 -19.87 -22.18
N ASP B 223 -16.39 -20.17 -22.78
CA ASP B 223 -15.11 -20.30 -22.06
C ASP B 223 -14.68 -19.01 -21.43
N ILE B 224 -14.88 -17.89 -22.14
CA ILE B 224 -14.55 -16.55 -21.70
C ILE B 224 -15.45 -16.16 -20.54
N SER B 225 -16.76 -16.38 -20.70
CA SER B 225 -17.78 -16.00 -19.73
C SER B 225 -17.52 -16.70 -18.40
N ALA B 226 -17.28 -18.03 -18.45
CA ALA B 226 -16.91 -18.90 -17.33
C ALA B 226 -15.62 -18.44 -16.65
N GLU B 227 -14.61 -17.99 -17.41
CA GLU B 227 -13.37 -17.50 -16.80
C GLU B 227 -13.54 -16.13 -16.10
N ILE B 228 -14.30 -15.20 -16.70
CA ILE B 228 -14.58 -13.89 -16.12
C ILE B 228 -15.28 -14.10 -14.76
N ALA B 229 -16.23 -15.07 -14.71
CA ALA B 229 -17.00 -15.42 -13.51
C ALA B 229 -16.07 -15.95 -12.41
N GLU B 230 -15.09 -16.79 -12.78
CA GLU B 230 -14.10 -17.35 -11.87
C GLU B 230 -13.14 -16.25 -11.37
N LYS B 231 -12.62 -15.42 -12.30
CA LYS B 231 -11.75 -14.29 -11.95
C LYS B 231 -12.52 -13.27 -11.07
N MET B 232 -13.84 -13.09 -11.31
CA MET B 232 -14.71 -12.19 -10.52
C MET B 232 -14.94 -12.80 -9.14
N ALA B 233 -15.30 -14.10 -9.07
CA ALA B 233 -15.48 -14.82 -7.80
C ALA B 233 -14.24 -14.72 -6.89
N THR B 234 -13.03 -14.90 -7.47
CA THR B 234 -11.73 -14.81 -6.77
C THR B 234 -11.51 -13.38 -6.23
N PHE B 235 -11.74 -12.37 -7.08
CA PHE B 235 -11.64 -10.94 -6.72
C PHE B 235 -12.60 -10.61 -5.55
N HIS B 236 -13.80 -11.21 -5.54
CA HIS B 236 -14.84 -11.00 -4.53
C HIS B 236 -14.49 -11.48 -3.13
N GLY B 237 -13.80 -12.61 -3.05
CA GLY B 237 -13.35 -13.23 -1.81
C GLY B 237 -12.14 -12.59 -1.16
N MET B 238 -11.51 -11.59 -1.83
CA MET B 238 -10.32 -10.87 -1.34
C MET B 238 -10.61 -9.95 -0.16
N LYS B 239 -9.76 -10.01 0.88
CA LYS B 239 -9.89 -9.16 2.06
C LYS B 239 -8.99 -7.97 1.84
N MET B 240 -9.57 -6.79 1.81
CA MET B 240 -8.85 -5.54 1.55
C MET B 240 -8.96 -4.59 2.77
N PRO B 241 -7.95 -3.74 3.06
CA PRO B 241 -8.05 -2.86 4.25
C PRO B 241 -8.93 -1.63 4.04
N PHE B 242 -10.11 -1.83 3.45
CA PHE B 242 -11.00 -0.70 3.19
C PHE B 242 -12.33 -0.85 3.90
N ASN B 243 -13.10 0.24 3.94
CA ASN B 243 -14.40 0.31 4.56
C ASN B 243 -15.29 -0.74 3.93
N LYS B 244 -15.82 -1.64 4.79
CA LYS B 244 -16.61 -2.81 4.43
C LYS B 244 -18.06 -2.45 4.31
N GLU B 245 -18.41 -1.21 4.69
CA GLU B 245 -19.77 -0.70 4.61
C GLU B 245 -20.09 -0.44 3.14
N PRO B 246 -21.17 -1.04 2.61
CA PRO B 246 -21.48 -0.87 1.17
C PRO B 246 -22.06 0.51 0.79
N LYS B 247 -21.33 1.60 1.14
CA LYS B 247 -21.71 3.00 0.89
C LYS B 247 -21.56 3.37 -0.58
N TRP B 248 -20.55 2.80 -1.25
CA TRP B 248 -20.19 3.09 -2.64
C TRP B 248 -21.35 3.31 -3.61
N LEU B 249 -22.22 2.31 -3.80
CA LEU B 249 -23.33 2.39 -4.73
C LEU B 249 -24.20 3.67 -4.66
N PHE B 250 -24.91 3.88 -3.55
CA PHE B 250 -25.83 5.00 -3.38
C PHE B 250 -25.16 6.34 -3.15
N GLY B 251 -24.05 6.33 -2.40
CA GLY B 251 -23.22 7.50 -2.15
C GLY B 251 -22.74 8.13 -3.45
N THR B 252 -22.31 7.30 -4.44
CA THR B 252 -21.83 7.72 -5.77
C THR B 252 -23.02 8.23 -6.60
N MET B 253 -24.13 7.47 -6.62
CA MET B 253 -25.34 7.87 -7.34
C MET B 253 -25.88 9.20 -6.83
N GLU B 254 -25.87 9.43 -5.51
CA GLU B 254 -26.30 10.69 -4.89
C GLU B 254 -25.35 11.82 -5.23
N LYS B 255 -24.03 11.54 -5.20
CA LYS B 255 -22.97 12.48 -5.53
C LYS B 255 -23.13 12.97 -6.97
N TYR B 256 -23.30 12.02 -7.93
CA TYR B 256 -23.48 12.38 -9.34
C TYR B 256 -24.84 13.07 -9.56
N LEU B 257 -25.91 12.61 -8.86
CA LEU B 257 -27.24 13.21 -8.96
C LEU B 257 -27.22 14.70 -8.53
N LYS B 258 -26.58 15.01 -7.38
CA LYS B 258 -26.43 16.37 -6.86
C LYS B 258 -25.76 17.26 -7.90
N GLU B 259 -24.71 16.73 -8.57
CA GLU B 259 -23.99 17.43 -9.62
C GLU B 259 -24.83 17.61 -10.88
N VAL B 260 -25.53 16.55 -11.34
CA VAL B 260 -26.40 16.59 -12.52
C VAL B 260 -27.46 17.73 -12.44
N LEU B 261 -28.15 17.87 -11.28
CA LEU B 261 -29.18 18.90 -11.07
C LEU B 261 -28.64 20.35 -11.06
N ARG B 262 -27.31 20.53 -10.94
CA ARG B 262 -26.71 21.88 -10.93
C ARG B 262 -25.85 22.16 -12.18
N ILE B 263 -25.73 21.18 -13.11
CA ILE B 263 -24.98 21.32 -14.37
C ILE B 263 -25.77 22.19 -15.37
N LYS B 264 -25.08 23.14 -15.99
CA LYS B 264 -25.65 23.97 -17.03
C LYS B 264 -24.68 23.91 -18.21
N PHE B 265 -25.20 23.55 -19.37
CA PHE B 265 -24.42 23.48 -20.58
C PHE B 265 -24.53 24.78 -21.35
N THR B 266 -23.51 25.11 -22.17
CA THR B 266 -23.52 26.32 -23.00
C THR B 266 -24.14 26.01 -24.36
N GLU B 267 -23.80 24.83 -24.92
CA GLU B 267 -24.29 24.32 -26.21
C GLU B 267 -25.80 24.02 -26.13
N GLU B 268 -26.56 24.41 -27.16
CA GLU B 268 -28.02 24.17 -27.19
C GLU B 268 -28.40 22.70 -27.40
N SER B 269 -27.52 21.90 -28.05
CA SER B 269 -27.77 20.50 -28.30
C SER B 269 -27.66 19.71 -26.99
N ARG B 270 -26.70 20.10 -26.11
CA ARG B 270 -26.49 19.48 -24.80
C ARG B 270 -27.57 19.90 -23.80
N ILE B 271 -27.98 21.20 -23.81
CA ILE B 271 -29.05 21.77 -22.99
C ILE B 271 -30.34 20.96 -23.22
N LYS B 272 -30.65 20.63 -24.49
CA LYS B 272 -31.80 19.84 -24.92
C LYS B 272 -31.75 18.40 -24.38
N LYS B 273 -30.63 17.71 -24.63
CA LYS B 273 -30.40 16.33 -24.20
C LYS B 273 -30.55 16.19 -22.68
N LEU B 274 -29.96 17.13 -21.90
CA LEU B 274 -30.08 17.19 -20.43
C LEU B 274 -31.55 17.38 -19.98
N HIS B 275 -32.27 18.29 -20.65
CA HIS B 275 -33.68 18.58 -20.42
C HIS B 275 -34.52 17.31 -20.58
N LYS B 276 -34.21 16.47 -21.60
CA LYS B 276 -34.91 15.17 -21.81
C LYS B 276 -34.60 14.18 -20.65
N LEU B 277 -33.33 14.13 -20.18
CA LEU B 277 -32.89 13.29 -19.06
C LEU B 277 -33.50 13.75 -17.72
N LEU B 278 -33.49 15.08 -17.44
CA LEU B 278 -34.07 15.67 -16.22
C LEU B 278 -35.59 15.45 -16.16
N SER B 279 -36.23 15.26 -17.34
CA SER B 279 -37.67 15.04 -17.48
C SER B 279 -38.16 13.72 -16.94
N TYR B 280 -37.22 12.81 -16.58
CA TYR B 280 -37.52 11.51 -15.98
C TYR B 280 -37.74 11.66 -14.47
N ASN B 281 -37.35 12.84 -13.90
CA ASN B 281 -37.39 13.18 -12.48
C ASN B 281 -36.47 12.19 -11.78
N LEU B 282 -35.16 12.38 -11.98
CA LEU B 282 -34.11 11.52 -11.45
C LEU B 282 -34.09 11.31 -9.93
N PRO B 283 -34.35 12.34 -9.06
CA PRO B 283 -34.36 12.07 -7.59
C PRO B 283 -35.47 11.11 -7.16
N LEU B 284 -36.62 11.14 -7.86
CA LEU B 284 -37.76 10.27 -7.62
C LEU B 284 -37.41 8.84 -8.07
N GLU B 285 -36.74 8.72 -9.25
CA GLU B 285 -36.30 7.44 -9.81
C GLU B 285 -35.25 6.77 -8.93
N LEU B 286 -34.38 7.56 -8.27
CA LEU B 286 -33.35 7.07 -7.35
C LEU B 286 -34.01 6.46 -6.11
N GLU B 287 -35.05 7.11 -5.57
CA GLU B 287 -35.80 6.61 -4.42
C GLU B 287 -36.58 5.32 -4.72
N ASN B 288 -36.95 5.14 -6.00
CA ASN B 288 -37.64 3.96 -6.51
C ASN B 288 -36.65 2.80 -6.53
N LEU B 289 -35.45 3.06 -7.08
CA LEU B 289 -34.32 2.13 -7.18
C LEU B 289 -33.82 1.74 -5.78
N ARG B 290 -33.83 2.69 -4.82
CA ARG B 290 -33.42 2.50 -3.43
C ARG B 290 -34.32 1.51 -2.74
N SER B 291 -35.63 1.66 -2.91
CA SER B 291 -36.64 0.79 -2.33
C SER B 291 -36.59 -0.61 -2.95
N LEU B 292 -36.33 -0.69 -4.27
CA LEU B 292 -36.23 -1.97 -4.95
C LEU B 292 -34.98 -2.74 -4.49
N LEU B 293 -33.85 -2.04 -4.32
CA LEU B 293 -32.61 -2.68 -3.92
C LEU B 293 -32.50 -3.02 -2.42
N GLU B 294 -33.18 -2.26 -1.54
CA GLU B 294 -33.19 -2.53 -0.11
C GLU B 294 -33.95 -3.82 0.18
N SER B 295 -35.00 -4.13 -0.62
CA SER B 295 -35.78 -5.35 -0.53
C SER B 295 -35.20 -6.49 -1.40
N THR B 296 -33.92 -6.37 -1.78
CA THR B 296 -33.17 -7.31 -2.62
C THR B 296 -31.84 -7.69 -1.90
N PRO B 297 -31.82 -8.79 -1.09
CA PRO B 297 -30.56 -9.19 -0.42
C PRO B 297 -29.48 -9.62 -1.40
N SER B 298 -28.24 -9.13 -1.17
CA SER B 298 -27.07 -9.33 -2.00
C SER B 298 -25.85 -9.17 -1.08
N PRO B 299 -24.94 -10.15 -0.98
CA PRO B 299 -23.82 -10.00 -0.04
C PRO B 299 -22.82 -8.94 -0.45
N VAL B 300 -22.18 -8.30 0.53
CA VAL B 300 -21.17 -7.28 0.31
C VAL B 300 -19.81 -7.96 0.16
N VAL B 301 -19.15 -7.75 -1.00
CA VAL B 301 -17.85 -8.35 -1.36
C VAL B 301 -16.95 -7.27 -1.96
N PHE B 302 -15.68 -7.58 -2.21
CA PHE B 302 -14.76 -6.64 -2.83
C PHE B 302 -15.04 -6.67 -4.31
N CYS B 303 -15.75 -5.66 -4.79
CA CYS B 303 -16.18 -5.55 -6.16
C CYS B 303 -15.19 -4.82 -7.02
N HIS B 304 -15.12 -5.22 -8.30
CA HIS B 304 -14.30 -4.53 -9.30
C HIS B 304 -15.01 -3.27 -9.77
N ASN B 305 -16.36 -3.30 -9.87
CA ASN B 305 -17.25 -2.20 -10.31
C ASN B 305 -17.14 -1.72 -11.78
N ASP B 306 -16.27 -2.34 -12.59
CA ASP B 306 -16.10 -1.92 -13.99
C ASP B 306 -15.67 -3.12 -14.85
N CYS B 307 -16.38 -4.23 -14.67
CA CYS B 307 -16.06 -5.43 -15.40
C CYS B 307 -16.57 -5.44 -16.84
N GLN B 308 -15.87 -4.66 -17.64
CA GLN B 308 -16.11 -4.54 -19.07
C GLN B 308 -14.87 -5.07 -19.77
N GLU B 309 -15.03 -5.42 -21.06
CA GLU B 309 -14.00 -5.97 -21.94
C GLU B 309 -12.66 -5.23 -21.96
N GLY B 310 -12.70 -3.89 -21.85
CA GLY B 310 -11.54 -3.01 -21.86
C GLY B 310 -10.66 -3.18 -20.64
N ASN B 311 -11.19 -3.86 -19.61
CA ASN B 311 -10.50 -4.15 -18.34
C ASN B 311 -10.17 -5.64 -18.19
N ILE B 312 -10.35 -6.42 -19.28
CA ILE B 312 -10.06 -7.84 -19.27
C ILE B 312 -9.00 -8.08 -20.31
N LEU B 313 -7.83 -8.62 -19.88
CA LEU B 313 -6.71 -8.93 -20.75
C LEU B 313 -6.75 -10.39 -21.18
N LEU B 314 -6.60 -10.63 -22.49
CA LEU B 314 -6.46 -11.95 -23.07
C LEU B 314 -4.94 -12.12 -23.19
N LEU B 315 -4.35 -12.98 -22.35
CA LEU B 315 -2.90 -13.18 -22.29
C LEU B 315 -2.27 -13.85 -23.51
N GLU B 316 -1.23 -13.20 -24.07
CA GLU B 316 -0.46 -13.65 -25.24
C GLU B 316 0.14 -15.03 -24.99
N GLY B 317 -0.02 -15.90 -25.98
CA GLY B 317 0.46 -17.28 -25.92
C GLY B 317 -0.50 -18.21 -25.20
N ARG B 318 -1.15 -17.70 -24.13
CA ARG B 318 -2.12 -18.44 -23.32
C ARG B 318 -3.52 -18.57 -23.98
N GLU B 319 -3.69 -18.13 -25.27
CA GLU B 319 -4.97 -18.17 -26.01
C GLU B 319 -5.63 -19.54 -26.11
N ASN B 320 -4.82 -20.61 -26.08
CA ASN B 320 -5.30 -21.99 -26.16
C ASN B 320 -5.70 -22.61 -24.81
N SER B 321 -5.45 -21.87 -23.70
CA SER B 321 -5.83 -22.30 -22.36
C SER B 321 -7.33 -22.14 -22.23
N GLU B 322 -8.01 -23.18 -21.74
CA GLU B 322 -9.45 -23.19 -21.59
C GLU B 322 -9.92 -22.29 -20.44
N LYS B 323 -9.20 -22.31 -19.29
CA LYS B 323 -9.62 -21.61 -18.07
C LYS B 323 -8.66 -20.56 -17.48
N GLN B 324 -7.49 -20.32 -18.10
CA GLN B 324 -6.50 -19.37 -17.57
C GLN B 324 -5.88 -18.52 -18.67
N LYS B 325 -6.72 -17.92 -19.53
CA LYS B 325 -6.20 -17.07 -20.60
C LYS B 325 -6.46 -15.60 -20.38
N LEU B 326 -7.03 -15.24 -19.20
CA LEU B 326 -7.47 -13.88 -18.90
C LEU B 326 -6.98 -13.27 -17.61
N MET B 327 -7.05 -11.93 -17.52
CA MET B 327 -6.68 -11.16 -16.35
C MET B 327 -7.56 -9.92 -16.21
N LEU B 328 -8.13 -9.73 -15.02
CA LEU B 328 -8.95 -8.56 -14.70
C LEU B 328 -8.00 -7.46 -14.23
N ILE B 329 -8.08 -6.29 -14.88
CA ILE B 329 -7.24 -5.13 -14.57
C ILE B 329 -8.09 -3.86 -14.36
N ASP B 330 -7.45 -2.69 -14.12
CA ASP B 330 -8.05 -1.35 -13.90
C ASP B 330 -9.07 -1.26 -12.76
N PHE B 331 -8.54 -1.09 -11.55
CA PHE B 331 -9.27 -1.05 -10.31
C PHE B 331 -9.63 0.36 -9.83
N GLU B 332 -9.75 1.32 -10.75
CA GLU B 332 -10.14 2.71 -10.46
C GLU B 332 -11.45 2.82 -9.64
N TYR B 333 -12.44 1.93 -9.91
CA TYR B 333 -13.74 1.97 -9.23
C TYR B 333 -13.96 0.96 -8.12
N SER B 334 -13.03 -0.02 -7.98
CA SER B 334 -13.10 -1.12 -7.00
C SER B 334 -13.35 -0.67 -5.57
N SER B 335 -14.29 -1.34 -4.89
CA SER B 335 -14.66 -1.05 -3.49
C SER B 335 -15.56 -2.14 -2.97
N TYR B 336 -15.85 -2.09 -1.64
CA TYR B 336 -16.82 -3.00 -1.04
C TYR B 336 -18.18 -2.55 -1.47
N ASN B 337 -18.87 -3.46 -2.13
CA ASN B 337 -20.14 -3.18 -2.75
C ASN B 337 -20.92 -4.47 -2.83
N TYR B 338 -22.22 -4.34 -3.15
CA TYR B 338 -23.14 -5.45 -3.31
C TYR B 338 -22.68 -6.30 -4.50
N ARG B 339 -22.51 -7.62 -4.27
CA ARG B 339 -22.09 -8.60 -5.29
C ARG B 339 -22.90 -8.47 -6.62
N GLY B 340 -24.24 -8.36 -6.50
CA GLY B 340 -25.17 -8.20 -7.61
C GLY B 340 -24.86 -7.04 -8.53
N PHE B 341 -24.20 -5.96 -7.99
CA PHE B 341 -23.82 -4.82 -8.82
C PHE B 341 -22.69 -5.22 -9.76
N ASP B 342 -21.62 -5.90 -9.27
CA ASP B 342 -20.52 -6.34 -10.12
C ASP B 342 -21.00 -7.29 -11.24
N ILE B 343 -21.92 -8.20 -10.91
CA ILE B 343 -22.49 -9.13 -11.91
C ILE B 343 -23.47 -8.45 -12.87
N GLY B 344 -24.40 -7.67 -12.35
CA GLY B 344 -25.38 -6.98 -13.17
C GLY B 344 -24.70 -6.00 -14.10
N ASN B 345 -23.72 -5.27 -13.57
CA ASN B 345 -22.90 -4.33 -14.35
C ASN B 345 -22.16 -5.02 -15.48
N HIS B 346 -21.58 -6.22 -15.23
CA HIS B 346 -20.90 -6.98 -16.27
C HIS B 346 -21.90 -7.44 -17.33
N PHE B 347 -23.12 -7.86 -16.93
CA PHE B 347 -24.19 -8.28 -17.86
C PHE B 347 -24.58 -7.11 -18.75
N CYS B 348 -24.66 -5.90 -18.18
CA CYS B 348 -24.97 -4.68 -18.93
C CYS B 348 -23.93 -4.40 -19.98
N GLU B 349 -22.66 -4.71 -19.68
CA GLU B 349 -21.52 -4.50 -20.57
C GLU B 349 -21.52 -5.30 -21.88
N TRP B 350 -22.37 -6.36 -21.97
CA TRP B 350 -22.56 -7.14 -23.20
C TRP B 350 -23.26 -6.29 -24.24
N MET B 351 -24.00 -5.27 -23.80
CA MET B 351 -24.76 -4.40 -24.68
C MET B 351 -23.94 -3.27 -25.30
N TYR B 352 -22.78 -2.91 -24.69
CA TYR B 352 -21.97 -1.79 -25.13
C TYR B 352 -20.60 -2.10 -25.72
N ASP B 353 -20.34 -1.50 -26.88
CA ASP B 353 -19.10 -1.64 -27.64
C ASP B 353 -18.53 -0.22 -27.77
N TYR B 354 -17.43 0.09 -27.07
CA TYR B 354 -16.76 1.38 -27.07
C TYR B 354 -15.65 1.47 -28.10
N SER B 355 -15.65 0.60 -29.10
CA SER B 355 -14.62 0.58 -30.14
C SER B 355 -15.09 1.26 -31.44
N TYR B 356 -16.39 1.64 -31.52
CA TYR B 356 -17.00 2.30 -32.67
C TYR B 356 -16.23 3.57 -33.01
N GLU B 357 -15.68 3.63 -34.25
CA GLU B 357 -14.82 4.69 -34.76
C GLU B 357 -15.49 6.00 -35.22
N LYS B 358 -16.82 6.07 -35.20
CA LYS B 358 -17.55 7.27 -35.59
C LYS B 358 -18.38 7.74 -34.36
N TYR B 359 -18.68 9.06 -34.27
CA TYR B 359 -19.51 9.65 -33.21
C TYR B 359 -20.83 8.84 -33.07
N PRO B 360 -21.32 8.49 -31.84
CA PRO B 360 -20.87 8.90 -30.50
C PRO B 360 -19.71 8.13 -29.89
N PHE B 361 -19.00 7.32 -30.70
CA PHE B 361 -17.85 6.52 -30.29
C PHE B 361 -18.19 5.33 -29.37
N PHE B 362 -19.44 4.86 -29.50
CA PHE B 362 -19.97 3.67 -28.84
C PHE B 362 -21.15 3.16 -29.66
N ARG B 363 -21.48 1.88 -29.47
CA ARG B 363 -22.62 1.21 -30.06
C ARG B 363 -23.32 0.50 -28.92
N ALA B 364 -24.64 0.65 -28.84
CA ALA B 364 -25.48 0.01 -27.81
C ALA B 364 -26.42 -0.95 -28.51
N ASN B 365 -26.52 -2.17 -27.99
CA ASN B 365 -27.40 -3.20 -28.52
C ASN B 365 -28.11 -3.98 -27.41
N ILE B 366 -29.34 -3.55 -27.09
CA ILE B 366 -30.24 -4.11 -26.06
C ILE B 366 -30.39 -5.64 -26.19
N ARG B 367 -30.50 -6.14 -27.43
CA ARG B 367 -30.65 -7.55 -27.81
C ARG B 367 -29.42 -8.38 -27.45
N LYS B 368 -28.30 -7.71 -27.11
CA LYS B 368 -27.05 -8.39 -26.77
C LYS B 368 -26.89 -8.66 -25.27
N TYR B 369 -27.88 -8.25 -24.46
CA TYR B 369 -27.92 -8.56 -23.02
C TYR B 369 -27.99 -10.10 -22.87
N PRO B 370 -27.26 -10.72 -21.92
CA PRO B 370 -27.30 -12.19 -21.82
C PRO B 370 -28.70 -12.80 -21.66
N THR B 371 -28.95 -13.94 -22.35
CA THR B 371 -30.21 -14.69 -22.24
C THR B 371 -30.11 -15.40 -20.92
N LYS B 372 -31.24 -15.85 -20.34
CA LYS B 372 -31.26 -16.60 -19.07
C LYS B 372 -30.23 -17.73 -19.08
N LYS B 373 -30.11 -18.46 -20.22
CA LYS B 373 -29.15 -19.55 -20.38
C LYS B 373 -27.69 -19.04 -20.22
N GLN B 374 -27.35 -17.90 -20.85
CA GLN B 374 -26.02 -17.32 -20.78
C GLN B 374 -25.72 -16.75 -19.40
N GLN B 375 -26.76 -16.26 -18.72
CA GLN B 375 -26.70 -15.74 -17.36
C GLN B 375 -26.49 -16.87 -16.38
N LEU B 376 -27.15 -18.04 -16.62
CA LEU B 376 -27.04 -19.24 -15.80
C LEU B 376 -25.67 -19.89 -15.98
N HIS B 377 -25.12 -19.86 -17.20
CA HIS B 377 -23.79 -20.38 -17.47
C HIS B 377 -22.75 -19.54 -16.70
N PHE B 378 -22.95 -18.21 -16.65
CA PHE B 378 -22.07 -17.31 -15.91
C PHE B 378 -22.12 -17.64 -14.41
N ILE B 379 -23.33 -17.65 -13.79
CA ILE B 379 -23.48 -17.96 -12.34
C ILE B 379 -23.08 -19.37 -11.93
N SER B 380 -23.35 -20.38 -12.80
CA SER B 380 -22.93 -21.78 -12.58
C SER B 380 -21.40 -21.91 -12.52
N SER B 381 -20.68 -20.88 -12.99
CA SER B 381 -19.21 -20.83 -12.95
C SER B 381 -18.75 -19.93 -11.81
N TYR B 382 -19.54 -18.89 -11.51
CA TYR B 382 -19.29 -17.94 -10.44
C TYR B 382 -19.45 -18.60 -9.05
N LEU B 383 -20.61 -19.25 -8.78
CA LEU B 383 -20.97 -19.85 -7.49
C LEU B 383 -19.97 -20.89 -6.92
N PRO B 384 -19.59 -21.98 -7.64
CA PRO B 384 -18.61 -22.92 -7.05
C PRO B 384 -17.21 -22.31 -6.86
N ALA B 385 -16.90 -21.23 -7.59
CA ALA B 385 -15.62 -20.52 -7.49
C ALA B 385 -15.57 -19.54 -6.31
N PHE B 386 -16.74 -19.11 -5.82
CA PHE B 386 -16.87 -18.18 -4.70
C PHE B 386 -17.21 -18.91 -3.40
N GLN B 387 -18.34 -19.66 -3.40
CA GLN B 387 -18.87 -20.45 -2.29
C GLN B 387 -18.29 -21.87 -2.35
N ASN B 388 -17.43 -22.22 -1.38
CA ASN B 388 -16.72 -23.51 -1.23
C ASN B 388 -17.65 -24.76 -1.23
N ASP B 389 -18.72 -24.71 -0.40
CA ASP B 389 -19.69 -25.81 -0.24
C ASP B 389 -20.63 -26.02 -1.42
N PHE B 390 -20.97 -24.94 -2.17
CA PHE B 390 -21.91 -24.91 -3.32
C PHE B 390 -22.00 -26.17 -4.17
N GLU B 391 -20.86 -26.69 -4.65
CA GLU B 391 -20.79 -27.90 -5.49
C GLU B 391 -21.40 -29.13 -4.81
N ASN B 392 -21.30 -29.20 -3.47
CA ASN B 392 -21.79 -30.31 -2.63
C ASN B 392 -23.26 -30.23 -2.24
N LEU B 393 -24.01 -29.28 -2.80
CA LEU B 393 -25.43 -29.12 -2.52
C LEU B 393 -26.26 -29.95 -3.50
N SER B 394 -27.54 -30.19 -3.16
CA SER B 394 -28.48 -30.93 -3.99
C SER B 394 -28.84 -30.14 -5.25
N THR B 395 -29.27 -30.84 -6.32
CA THR B 395 -29.66 -30.25 -7.61
C THR B 395 -30.78 -29.20 -7.42
N GLU B 396 -31.79 -29.52 -6.61
CA GLU B 396 -32.91 -28.64 -6.28
C GLU B 396 -32.44 -27.39 -5.48
N GLU B 397 -31.52 -27.58 -4.51
CA GLU B 397 -30.97 -26.48 -3.73
C GLU B 397 -30.11 -25.51 -4.57
N LYS B 398 -29.26 -26.07 -5.46
CA LYS B 398 -28.41 -25.35 -6.41
C LYS B 398 -29.26 -24.45 -7.30
N SER B 399 -30.40 -24.97 -7.80
CA SER B 399 -31.35 -24.23 -8.64
C SER B 399 -32.01 -23.07 -7.87
N ILE B 400 -32.31 -23.28 -6.57
CA ILE B 400 -32.91 -22.25 -5.71
C ILE B 400 -31.98 -21.05 -5.57
N ILE B 401 -30.67 -21.28 -5.28
CA ILE B 401 -29.67 -20.23 -5.14
C ILE B 401 -29.52 -19.48 -6.45
N LYS B 402 -29.47 -20.23 -7.57
CA LYS B 402 -29.37 -19.72 -8.93
C LYS B 402 -30.55 -18.88 -9.35
N GLU B 403 -31.80 -19.37 -9.14
CA GLU B 403 -33.01 -18.62 -9.50
C GLU B 403 -33.11 -17.30 -8.75
N GLU B 404 -32.71 -17.30 -7.46
CA GLU B 404 -32.71 -16.14 -6.59
C GLU B 404 -31.60 -15.19 -6.99
N MET B 405 -30.45 -15.74 -7.44
CA MET B 405 -29.31 -14.99 -7.93
C MET B 405 -29.66 -14.24 -9.23
N LEU B 406 -30.47 -14.85 -10.15
CA LEU B 406 -30.91 -14.19 -11.40
C LEU B 406 -31.74 -12.94 -11.08
N LEU B 407 -32.58 -13.01 -10.04
CA LEU B 407 -33.38 -11.89 -9.57
C LEU B 407 -32.49 -10.80 -8.98
N GLU B 408 -31.55 -11.20 -8.12
CA GLU B 408 -30.58 -10.29 -7.48
C GLU B 408 -29.77 -9.45 -8.50
N VAL B 409 -29.11 -10.10 -9.48
CA VAL B 409 -28.27 -9.47 -10.49
C VAL B 409 -29.00 -8.67 -11.55
N ASN B 410 -30.21 -9.10 -11.90
CA ASN B 410 -31.00 -8.36 -12.89
C ASN B 410 -31.60 -7.08 -12.31
N ARG B 411 -31.77 -7.05 -10.98
CA ARG B 411 -32.27 -5.88 -10.28
C ARG B 411 -31.14 -4.90 -10.14
N PHE B 412 -29.94 -5.40 -9.78
CA PHE B 412 -28.74 -4.59 -9.65
C PHE B 412 -28.21 -4.01 -10.96
N ALA B 413 -28.57 -4.64 -12.10
CA ALA B 413 -28.30 -4.19 -13.45
C ALA B 413 -28.90 -2.82 -13.65
N LEU B 414 -30.07 -2.56 -13.04
CA LEU B 414 -30.74 -1.25 -13.07
C LEU B 414 -29.86 -0.14 -12.47
N ALA B 415 -29.12 -0.45 -11.36
CA ALA B 415 -28.20 0.48 -10.68
C ALA B 415 -26.97 0.77 -11.55
N SER B 416 -26.57 -0.17 -12.43
CA SER B 416 -25.45 0.02 -13.35
C SER B 416 -25.87 1.10 -14.40
N HIS B 417 -27.08 0.97 -14.95
CA HIS B 417 -27.61 1.93 -15.95
C HIS B 417 -27.73 3.32 -15.39
N PHE B 418 -28.24 3.41 -14.17
CA PHE B 418 -28.49 4.62 -13.41
C PHE B 418 -27.17 5.30 -13.00
N LEU B 419 -26.24 4.54 -12.35
CA LEU B 419 -24.91 5.02 -11.92
C LEU B 419 -24.18 5.60 -13.13
N TRP B 420 -23.92 4.74 -14.16
CA TRP B 420 -23.18 5.17 -15.35
C TRP B 420 -23.86 6.23 -16.18
N GLY B 421 -25.19 6.26 -16.17
CA GLY B 421 -25.97 7.30 -16.86
C GLY B 421 -25.71 8.65 -16.25
N LEU B 422 -25.73 8.75 -14.90
CA LEU B 422 -25.45 9.98 -14.15
C LEU B 422 -24.02 10.40 -14.33
N TRP B 423 -23.08 9.43 -14.21
CA TRP B 423 -21.63 9.57 -14.37
C TRP B 423 -21.33 10.25 -15.70
N SER B 424 -21.92 9.73 -16.78
CA SER B 424 -21.77 10.20 -18.16
C SER B 424 -22.26 11.64 -18.38
N ILE B 425 -23.28 12.13 -17.63
CA ILE B 425 -23.74 13.52 -17.74
C ILE B 425 -22.68 14.45 -17.14
N VAL B 426 -22.13 14.08 -15.96
CA VAL B 426 -21.06 14.81 -15.25
C VAL B 426 -19.81 14.84 -16.17
N GLN B 427 -19.56 13.73 -16.89
CA GLN B 427 -18.46 13.56 -17.85
C GLN B 427 -18.64 14.44 -19.09
N ALA B 428 -19.90 14.68 -19.51
CA ALA B 428 -20.15 15.56 -20.65
C ALA B 428 -19.69 17.00 -20.33
N LYS B 429 -19.84 17.43 -19.05
CA LYS B 429 -19.43 18.75 -18.58
C LYS B 429 -17.92 18.93 -18.36
N ILE B 430 -17.24 17.92 -17.76
CA ILE B 430 -15.83 17.99 -17.36
C ILE B 430 -14.76 17.34 -18.25
N SER B 431 -15.10 16.28 -18.99
CA SER B 431 -14.12 15.55 -19.80
C SER B 431 -13.70 16.20 -21.11
N SER B 432 -12.41 16.00 -21.47
CA SER B 432 -11.74 16.47 -22.69
C SER B 432 -11.82 15.41 -23.79
N ILE B 433 -11.95 14.13 -23.34
CA ILE B 433 -12.02 12.92 -24.15
C ILE B 433 -13.15 12.97 -25.18
N GLU B 434 -12.83 12.57 -26.41
CA GLU B 434 -13.71 12.50 -27.58
C GLU B 434 -14.64 11.28 -27.43
N PHE B 435 -15.85 11.52 -26.91
CA PHE B 435 -16.90 10.51 -26.69
C PHE B 435 -18.22 11.22 -26.53
N GLY B 436 -19.27 10.67 -27.13
CA GLY B 436 -20.62 11.21 -27.07
C GLY B 436 -21.26 10.81 -25.75
N TYR B 437 -20.87 11.53 -24.70
CA TYR B 437 -21.31 11.31 -23.32
C TYR B 437 -22.82 11.42 -23.10
N MET B 438 -23.46 12.46 -23.68
CA MET B 438 -24.91 12.69 -23.57
C MET B 438 -25.72 11.62 -24.27
N ASP B 439 -25.23 11.09 -25.40
CA ASP B 439 -25.89 9.99 -26.12
C ASP B 439 -25.79 8.69 -25.30
N TYR B 440 -24.62 8.48 -24.65
CA TYR B 440 -24.33 7.36 -23.78
C TYR B 440 -25.25 7.36 -22.57
N ALA B 441 -25.42 8.54 -21.92
CA ALA B 441 -26.33 8.71 -20.79
C ALA B 441 -27.76 8.33 -21.21
N GLN B 442 -28.19 8.80 -22.40
CA GLN B 442 -29.51 8.47 -22.96
C GLN B 442 -29.66 6.96 -23.25
N ALA B 443 -28.62 6.31 -23.81
CA ALA B 443 -28.58 4.85 -24.07
C ALA B 443 -28.67 4.03 -22.75
N ARG B 444 -28.11 4.56 -21.62
CA ARG B 444 -28.16 3.87 -20.31
C ARG B 444 -29.54 4.05 -19.70
N PHE B 445 -30.10 5.29 -19.77
CA PHE B 445 -31.43 5.57 -19.27
C PHE B 445 -32.53 4.84 -20.04
N ASP B 446 -32.39 4.67 -21.38
CA ASP B 446 -33.30 3.87 -22.20
C ASP B 446 -33.28 2.41 -21.71
N ALA B 447 -32.08 1.88 -21.43
CA ALA B 447 -31.88 0.51 -20.96
C ALA B 447 -32.44 0.31 -19.57
N TYR B 448 -32.35 1.36 -18.72
CA TYR B 448 -32.86 1.32 -17.36
C TYR B 448 -34.39 1.13 -17.42
N PHE B 449 -35.09 1.92 -18.29
CA PHE B 449 -36.54 1.82 -18.43
C PHE B 449 -36.95 0.56 -19.14
N HIS B 450 -36.10 0.04 -20.03
CA HIS B 450 -36.41 -1.19 -20.73
C HIS B 450 -36.33 -2.37 -19.75
N GLN B 451 -35.30 -2.37 -18.88
CA GLN B 451 -35.04 -3.39 -17.87
C GLN B 451 -36.09 -3.35 -16.78
N LYS B 452 -36.60 -2.15 -16.41
CA LYS B 452 -37.69 -2.00 -15.40
C LYS B 452 -38.94 -2.72 -15.87
N ARG B 453 -39.26 -2.54 -17.17
CA ARG B 453 -40.37 -3.15 -17.90
C ARG B 453 -40.18 -4.66 -17.93
N LYS B 454 -39.02 -5.16 -18.43
CA LYS B 454 -38.71 -6.60 -18.44
C LYS B 454 -38.95 -7.26 -17.07
N LEU B 455 -38.57 -6.59 -15.97
CA LEU B 455 -38.73 -7.10 -14.60
C LEU B 455 -40.12 -6.88 -13.97
N GLY B 456 -40.93 -5.99 -14.55
CA GLY B 456 -42.24 -5.66 -14.03
C GLY B 456 -42.16 -4.89 -12.74
N VAL B 457 -41.09 -4.09 -12.59
CA VAL B 457 -40.86 -3.30 -11.38
C VAL B 457 -41.01 -1.80 -11.67
S SO4 C . 16.46 20.53 24.99
O1 SO4 C . 16.73 21.94 25.28
O2 SO4 C . 17.73 19.87 24.67
O3 SO4 C . 15.89 19.90 26.17
O4 SO4 C . 15.52 20.41 23.84
O1 0H7 D . 13.24 7.68 17.37
C2 0H7 D . 14.00 7.72 18.58
C3 0H7 D . 15.55 7.62 18.29
C4 0H7 D . 15.86 6.45 17.35
N5 0H7 D . 16.50 6.95 16.11
C6 0H7 D . 15.61 7.91 15.41
C7 0H7 D . 15.44 9.18 16.28
C8 0H7 D . 16.11 8.94 17.65
C9 0H7 D . 17.63 8.75 17.40
C10 0H7 D . 17.81 7.57 16.41
C11 0H7 D . 13.73 8.95 19.33
C12 0H7 D . 14.45 9.39 20.37
C13 0H7 D . 13.96 10.53 20.96
C14 0H7 D . 12.82 10.98 20.45
CL1 0H7 D . 11.98 12.37 21.01
S16 0H7 D . 12.31 9.96 19.12
C17 0H7 D . 13.53 6.58 19.46
C18 0H7 D . 12.26 6.16 19.56
C19 0H7 D . 12.05 5.13 20.46
C20 0H7 D . 13.13 4.76 21.15
CL2 0H7 D . 13.21 3.49 22.35
S22 0H7 D . 14.51 5.73 20.65
S SO4 E . -22.47 14.62 -26.29
O1 SO4 E . -21.40 14.70 -27.32
O2 SO4 E . -21.86 14.81 -24.94
O3 SO4 E . -23.46 15.70 -26.56
O4 SO4 E . -23.15 13.33 -26.46
O1 0H7 F . -14.68 4.05 -18.54
C2 0H7 F . -15.27 3.70 -19.80
C3 0H7 F . -16.66 3.02 -19.59
C4 0H7 F . -16.54 1.75 -18.74
N5 0H7 F . -17.46 1.85 -17.58
C6 0H7 F . -17.06 2.98 -16.70
C7 0H7 F . -17.23 4.30 -17.46
C8 0H7 F . -17.68 4.00 -18.90
C9 0H7 F . -19.04 3.29 -18.82
C10 0H7 F . -18.87 1.98 -18.03
C11 0H7 F . -15.44 4.90 -20.67
C12 0H7 F . -16.26 4.98 -21.72
C13 0H7 F . -16.16 6.13 -22.45
C14 0H7 F . -15.23 6.98 -22.02
CL1 0H7 F . -14.87 8.50 -22.73
S16 0H7 F . -14.41 6.32 -20.62
C17 0H7 F . -14.31 2.83 -20.57
C18 0H7 F . -12.98 2.77 -20.35
C19 0H7 F . -12.27 2.02 -21.26
C20 0H7 F . -12.99 1.52 -22.27
CL2 0H7 F . -12.38 0.54 -23.57
S22 0H7 F . -14.67 2.01 -22.08
#